data_1S3E
#
_entry.id   1S3E
#
_cell.length_a   131.958
_cell.length_b   224.065
_cell.length_c   86.632
_cell.angle_alpha   90.00
_cell.angle_beta   90.00
_cell.angle_gamma   90.00
#
_symmetry.space_group_name_H-M   'C 2 2 2'
#
loop_
_entity.id
_entity.type
_entity.pdbx_description
1 polymer 'Amine oxidase [flavin-containing] B'
2 non-polymer 'FLAVIN-ADENINE DINUCLEOTIDE'
3 non-polymer (3R)-3-(PROP-2-YNYLAMINO)INDAN-5-OL
4 water water
#
_entity_poly.entity_id   1
_entity_poly.type   'polypeptide(L)'
_entity_poly.pdbx_seq_one_letter_code
;MSNKCDVVVVGGGISGMAAAKLLHDSGLNVVVLEARDRVGGRTYTLRNQKVKYVDLGGSYVGPTQNRILRLAKELGLETY
KVNEVERLIHHVKGKSYPFRGPFPPVWNPITYLDHNNFWRTMDDMGREIPSDAPWKAPLAEEWDNMTMKELLDKLCWTES
AKQLATLFVNLCVTAETHEVSALWFLWYVKQCGGTTRIISTTNGGQERKFVGGSGQVSERIMDLLGDRVKLERPVIYIDQ
TRENVLVETLNHEMYEAKYVISAIPPTLGMKIHFNPPLPMMRNQMITRVPLGSVIKCIVYYKEPFWRKKDYCGTMIIDGE
EAPVAYTLDDTKPEGNYAAIMGFILAHKARKLARLTKEERLKKLCELYAKVLGSLEALEPVHYEEKNWCEEQYSGGCYTT
YFPPGILTQYGRVLRQPVDRIYFAGTETATHWSGYMEGAVEAGERAAREILHAMGKIPEDEIWQSEPESVDVPAQPITTT
FLERHLPSVPGLLRLIGLTTIFSATALGFLAHKRGLLVRV
;
_entity_poly.pdbx_strand_id   A,B
#
loop_
_chem_comp.id
_chem_comp.type
_chem_comp.name
_chem_comp.formula
FAD non-polymer 'FLAVIN-ADENINE DINUCLEOTIDE' 'C27 H33 N9 O15 P2'
RHP non-polymer (3R)-3-(PROP-2-YNYLAMINO)INDAN-5-OL 'C12 H13 N O'
#
# COMPACT_ATOMS: atom_id res chain seq x y z
N ASN A 3 -29.61 -6.06 18.34
CA ASN A 3 -30.41 -5.96 17.08
C ASN A 3 -30.56 -4.52 16.58
N LYS A 4 -31.55 -3.79 17.08
CA LYS A 4 -31.85 -2.45 16.57
C LYS A 4 -31.35 -1.33 17.49
N CYS A 5 -30.69 -0.33 16.89
CA CYS A 5 -30.16 0.82 17.62
C CYS A 5 -30.08 2.07 16.73
N ASP A 6 -29.59 3.18 17.30
CA ASP A 6 -29.40 4.41 16.54
C ASP A 6 -28.10 4.40 15.73
N VAL A 7 -27.00 4.05 16.40
CA VAL A 7 -25.68 4.04 15.76
C VAL A 7 -24.91 2.77 16.11
N VAL A 8 -24.34 2.14 15.09
CA VAL A 8 -23.39 1.05 15.28
C VAL A 8 -21.99 1.63 15.14
N VAL A 9 -21.14 1.41 16.14
CA VAL A 9 -19.73 1.78 16.08
C VAL A 9 -18.91 0.52 15.81
N VAL A 10 -18.18 0.50 14.71
CA VAL A 10 -17.32 -0.64 14.38
C VAL A 10 -15.92 -0.36 14.91
N GLY A 11 -15.51 -1.14 15.92
CA GLY A 11 -14.22 -0.96 16.54
C GLY A 11 -14.31 -0.37 17.93
N GLY A 12 -13.72 -1.07 18.90
CA GLY A 12 -13.71 -0.65 20.30
C GLY A 12 -12.32 -0.27 20.81
N GLY A 13 -11.55 0.41 19.96
CA GLY A 13 -10.36 1.09 20.42
C GLY A 13 -10.75 2.42 21.04
N ILE A 14 -9.77 3.24 21.38
CA ILE A 14 -10.07 4.55 21.98
C ILE A 14 -11.01 5.41 21.13
N SER A 15 -10.81 5.40 19.81
CA SER A 15 -11.63 6.22 18.94
C SER A 15 -13.10 5.79 18.95
N GLY A 16 -13.34 4.48 18.80
CA GLY A 16 -14.69 3.94 18.82
C GLY A 16 -15.37 4.13 20.15
N MET A 17 -14.60 3.90 21.22
CA MET A 17 -15.12 4.08 22.58
C MET A 17 -15.46 5.53 22.88
N ALA A 18 -14.60 6.47 22.46
CA ALA A 18 -14.88 7.90 22.63
C ALA A 18 -16.14 8.32 21.86
N ALA A 19 -16.30 7.81 20.64
CA ALA A 19 -17.47 8.09 19.82
C ALA A 19 -18.74 7.54 20.49
N ALA A 20 -18.66 6.30 20.94
CA ALA A 20 -19.81 5.64 21.56
C ALA A 20 -20.21 6.35 22.85
N LYS A 21 -19.22 6.78 23.63
CA LYS A 21 -19.50 7.49 24.88
C LYS A 21 -20.23 8.81 24.63
N LEU A 22 -19.75 9.59 23.66
CA LEU A 22 -20.38 10.87 23.33
C LEU A 22 -21.83 10.69 22.90
N LEU A 23 -22.06 9.70 22.03
CA LEU A 23 -23.41 9.43 21.53
C LEU A 23 -24.33 8.92 22.64
N HIS A 24 -23.82 8.03 23.48
CA HIS A 24 -24.55 7.51 24.65
C HIS A 24 -24.92 8.65 25.61
N ASP A 25 -23.96 9.54 25.86
CA ASP A 25 -24.17 10.71 26.73
C ASP A 25 -25.18 11.70 26.14
N SER A 26 -25.36 11.64 24.82
CA SER A 26 -26.30 12.52 24.13
C SER A 26 -27.73 11.96 24.10
N GLY A 27 -27.90 10.74 24.60
CA GLY A 27 -29.21 10.12 24.69
C GLY A 27 -29.52 9.09 23.60
N LEU A 28 -28.55 8.80 22.75
CA LEU A 28 -28.74 7.84 21.66
C LEU A 28 -28.45 6.42 22.10
N ASN A 29 -29.07 5.46 21.42
CA ASN A 29 -28.82 4.04 21.64
C ASN A 29 -27.69 3.57 20.74
N VAL A 30 -26.57 3.20 21.37
CA VAL A 30 -25.37 2.79 20.62
C VAL A 30 -24.98 1.35 20.90
N VAL A 31 -24.34 0.74 19.91
CA VAL A 31 -23.75 -0.58 20.05
C VAL A 31 -22.33 -0.49 19.50
N VAL A 32 -21.38 -1.10 20.21
CA VAL A 32 -20.00 -1.19 19.74
C VAL A 32 -19.71 -2.64 19.35
N LEU A 33 -19.33 -2.83 18.10
CA LEU A 33 -18.97 -4.17 17.63
C LEU A 33 -17.46 -4.27 17.55
N GLU A 34 -16.89 -5.12 18.40
CA GLU A 34 -15.44 -5.27 18.51
C GLU A 34 -15.00 -6.68 18.13
N ALA A 35 -14.02 -6.76 17.22
CA ALA A 35 -13.54 -8.03 16.68
C ALA A 35 -12.87 -8.93 17.73
N ARG A 36 -12.11 -8.33 18.64
CA ARG A 36 -11.31 -9.09 19.60
C ARG A 36 -12.11 -9.45 20.86
N ASP A 37 -11.51 -10.30 21.69
CA ASP A 37 -12.06 -10.63 23.01
C ASP A 37 -11.76 -9.56 24.08
N ARG A 38 -11.31 -8.39 23.63
CA ARG A 38 -10.97 -7.27 24.52
C ARG A 38 -11.23 -5.95 23.79
N VAL A 39 -11.36 -4.88 24.56
CA VAL A 39 -11.35 -3.51 24.00
C VAL A 39 -9.94 -2.93 24.09
N GLY A 40 -9.73 -1.80 23.41
CA GLY A 40 -8.46 -1.09 23.50
C GLY A 40 -7.64 -1.02 22.22
N GLY A 41 -7.78 -2.02 21.36
CA GLY A 41 -7.11 -2.04 20.07
C GLY A 41 -5.60 -1.95 20.12
N ARG A 42 -5.08 -0.84 19.62
CA ARG A 42 -3.64 -0.59 19.59
C ARG A 42 -3.08 -0.15 20.96
N THR A 43 -3.96 -0.03 21.94
CA THR A 43 -3.55 0.01 23.35
C THR A 43 -3.88 -1.33 24.00
N TYR A 44 -2.96 -1.79 24.85
CA TYR A 44 -3.12 -3.05 25.55
C TYR A 44 -2.25 -3.02 26.79
N THR A 45 -2.89 -3.10 27.95
CA THR A 45 -2.19 -3.16 29.22
C THR A 45 -2.22 -4.58 29.76
N LEU A 46 -1.05 -5.21 29.81
CA LEU A 46 -0.90 -6.54 30.41
C LEU A 46 -0.74 -6.44 31.93
N ARG A 47 -1.43 -7.32 32.65
CA ARG A 47 -1.27 -7.40 34.10
C ARG A 47 -0.81 -8.78 34.52
N ASN A 48 0.27 -8.82 35.28
CA ASN A 48 0.71 -10.02 35.97
C ASN A 48 1.54 -9.65 37.20
N GLN A 49 1.91 -10.65 37.97
CA GLN A 49 2.62 -10.45 39.22
C GLN A 49 4.01 -9.83 39.05
N LYS A 50 4.68 -10.19 37.96
CA LYS A 50 6.06 -9.77 37.74
C LYS A 50 6.20 -8.31 37.32
N VAL A 51 5.18 -7.79 36.64
CA VAL A 51 5.23 -6.42 36.11
C VAL A 51 4.24 -5.46 36.78
N LYS A 52 3.28 -6.03 37.51
CA LYS A 52 2.08 -5.33 37.99
C LYS A 52 1.18 -4.96 36.80
N TYR A 53 1.58 -3.97 36.03
CA TYR A 53 0.94 -3.63 34.76
C TYR A 53 2.02 -3.11 33.80
N VAL A 54 1.81 -3.32 32.50
CA VAL A 54 2.69 -2.76 31.48
C VAL A 54 1.93 -2.51 30.19
N ASP A 55 2.11 -1.31 29.64
CA ASP A 55 1.56 -0.96 28.33
C ASP A 55 2.39 -1.62 27.23
N LEU A 56 1.76 -2.49 26.46
CA LEU A 56 2.44 -3.14 25.33
C LEU A 56 2.13 -2.46 24.00
N GLY A 57 1.15 -1.57 24.02
CA GLY A 57 0.83 -0.73 22.87
C GLY A 57 1.03 0.74 23.19
N GLY A 58 0.13 1.59 22.71
CA GLY A 58 0.20 3.03 22.99
C GLY A 58 0.28 3.32 24.48
N SER A 59 1.13 4.26 24.88
CA SER A 59 1.38 4.50 26.30
C SER A 59 1.56 5.98 26.66
N TYR A 60 2.33 6.70 25.86
CA TYR A 60 2.75 8.06 26.21
C TYR A 60 1.72 9.12 25.87
N VAL A 61 1.59 10.08 26.78
CA VAL A 61 0.79 11.28 26.53
C VAL A 61 1.61 12.49 26.96
N GLY A 62 1.26 13.68 26.48
CA GLY A 62 2.00 14.86 26.84
C GLY A 62 1.28 16.17 26.58
N PRO A 63 1.93 17.29 26.89
CA PRO A 63 1.33 18.61 26.70
C PRO A 63 0.84 18.83 25.26
N THR A 64 -0.28 19.57 25.17
CA THR A 64 -1.08 19.81 23.93
C THR A 64 -2.00 18.66 23.52
N GLN A 65 -1.91 17.52 24.21
CA GLN A 65 -2.81 16.40 23.93
C GLN A 65 -4.00 16.47 24.90
N ASN A 66 -4.80 17.51 24.73
CA ASN A 66 -5.77 17.87 25.76
C ASN A 66 -7.02 17.01 25.78
N ARG A 67 -7.35 16.40 24.64
CA ARG A 67 -8.55 15.55 24.56
C ARG A 67 -8.39 14.22 25.30
N ILE A 68 -7.28 13.51 25.07
CA ILE A 68 -7.04 12.26 25.78
C ILE A 68 -6.88 12.52 27.28
N LEU A 69 -6.23 13.63 27.62
CA LEU A 69 -6.04 13.99 29.02
C LEU A 69 -7.38 14.26 29.72
N ARG A 70 -8.28 14.94 29.02
CA ARG A 70 -9.60 15.27 29.57
C ARG A 70 -10.48 14.03 29.71
N LEU A 71 -10.47 13.18 28.68
CA LEU A 71 -11.24 11.93 28.72
C LEU A 71 -10.75 11.01 29.84
N ALA A 72 -9.43 10.85 29.94
CA ALA A 72 -8.84 10.01 30.97
C ALA A 72 -9.14 10.54 32.38
N LYS A 73 -9.07 11.87 32.54
CA LYS A 73 -9.38 12.48 33.83
C LYS A 73 -10.83 12.21 34.26
N GLU A 74 -11.76 12.37 33.32
CA GLU A 74 -13.17 12.12 33.58
C GLU A 74 -13.43 10.67 34.02
N LEU A 75 -12.63 9.76 33.49
CA LEU A 75 -12.75 8.33 33.80
C LEU A 75 -12.05 7.95 35.11
N GLY A 76 -11.41 8.92 35.75
CA GLY A 76 -10.77 8.70 37.04
C GLY A 76 -9.30 8.31 36.99
N LEU A 77 -8.66 8.56 35.86
CA LEU A 77 -7.25 8.20 35.68
C LEU A 77 -6.32 9.35 36.00
N GLU A 78 -5.08 9.03 36.33
CA GLU A 78 -4.03 10.01 36.62
C GLU A 78 -2.80 9.71 35.76
N THR A 79 -1.95 10.73 35.57
CA THR A 79 -0.68 10.54 34.88
C THR A 79 0.51 10.65 35.83
N TYR A 80 1.65 10.13 35.39
CA TYR A 80 2.92 10.39 36.05
C TYR A 80 3.98 10.71 35.00
N LYS A 81 5.06 11.35 35.41
CA LYS A 81 6.12 11.76 34.48
C LYS A 81 7.13 10.65 34.23
N VAL A 82 7.43 10.44 32.95
CA VAL A 82 8.51 9.54 32.53
C VAL A 82 9.83 10.11 33.05
N ASN A 83 10.71 9.24 33.55
CA ASN A 83 11.97 9.70 34.12
C ASN A 83 12.91 10.36 33.12
N GLU A 84 13.18 11.65 33.33
CA GLU A 84 14.19 12.38 32.55
C GLU A 84 15.06 13.28 33.44
N VAL A 85 15.27 12.85 34.69
CA VAL A 85 16.04 13.62 35.65
C VAL A 85 17.53 13.64 35.30
N GLU A 86 18.07 12.46 34.99
CA GLU A 86 19.49 12.32 34.72
C GLU A 86 19.79 12.46 33.21
N ARG A 87 21.01 12.12 32.80
CA ARG A 87 21.45 12.40 31.44
C ARG A 87 20.90 11.41 30.43
N LEU A 88 20.65 11.91 29.22
CA LEU A 88 20.29 11.10 28.07
C LEU A 88 21.59 10.57 27.43
N ILE A 89 21.48 9.55 26.60
CA ILE A 89 22.65 9.03 25.89
C ILE A 89 22.40 9.01 24.39
N HIS A 90 23.38 9.51 23.63
CA HIS A 90 23.43 9.28 22.19
C HIS A 90 24.58 8.33 21.93
N HIS A 91 24.27 7.16 21.37
CA HIS A 91 25.28 6.14 21.08
C HIS A 91 25.51 6.16 19.58
N VAL A 92 26.72 6.56 19.17
CA VAL A 92 27.08 6.73 17.76
C VAL A 92 28.45 6.10 17.53
N LYS A 93 28.54 5.32 16.44
CA LYS A 93 29.78 4.62 16.06
C LYS A 93 30.43 3.84 17.21
N GLY A 94 29.60 3.12 17.96
CA GLY A 94 30.05 2.25 19.03
C GLY A 94 30.44 2.93 20.34
N LYS A 95 30.12 4.21 20.48
CA LYS A 95 30.50 5.01 21.65
C LYS A 95 29.29 5.77 22.20
N SER A 96 29.20 5.89 23.52
CA SER A 96 28.12 6.62 24.17
C SER A 96 28.53 8.04 24.55
N TYR A 97 27.66 9.00 24.25
CA TYR A 97 27.87 10.42 24.56
C TYR A 97 26.69 10.97 25.35
N PRO A 98 26.85 11.12 26.67
CA PRO A 98 25.79 11.66 27.52
C PRO A 98 25.48 13.12 27.22
N PHE A 99 24.22 13.51 27.40
CA PHE A 99 23.79 14.89 27.12
C PHE A 99 22.50 15.24 27.86
N ARG A 100 22.13 16.52 27.75
CA ARG A 100 20.89 17.07 28.31
C ARG A 100 20.17 17.90 27.26
N GLY A 101 18.85 17.99 27.38
CA GLY A 101 18.02 18.69 26.41
C GLY A 101 17.43 17.72 25.41
N PRO A 102 16.46 18.17 24.62
CA PRO A 102 15.78 17.31 23.65
C PRO A 102 16.68 16.78 22.53
N PHE A 103 17.61 17.61 22.05
CA PHE A 103 18.46 17.27 20.90
C PHE A 103 19.88 16.86 21.31
N PRO A 104 20.39 15.78 20.72
CA PRO A 104 21.80 15.40 20.90
C PRO A 104 22.70 16.50 20.33
N PRO A 105 23.60 17.06 21.15
CA PRO A 105 24.48 18.15 20.71
C PRO A 105 25.53 17.71 19.69
N VAL A 106 25.92 18.66 18.83
CA VAL A 106 26.96 18.44 17.84
C VAL A 106 28.00 19.55 17.97
N TRP A 107 29.27 19.18 17.98
CA TRP A 107 30.36 20.12 18.21
C TRP A 107 31.02 20.65 16.94
N ASN A 108 31.15 19.79 15.93
CA ASN A 108 31.73 20.18 14.64
C ASN A 108 30.93 21.31 14.00
N PRO A 109 31.56 22.46 13.73
CA PRO A 109 30.90 23.61 13.10
C PRO A 109 30.11 23.30 11.82
N ILE A 110 30.66 22.51 10.89
CA ILE A 110 29.96 22.16 9.64
C ILE A 110 28.76 21.26 9.92
N THR A 111 28.99 20.22 10.72
CA THR A 111 27.94 19.27 11.10
C THR A 111 26.85 19.98 11.91
N TYR A 112 27.27 20.93 12.75
CA TYR A 112 26.32 21.72 13.51
C TYR A 112 25.37 22.51 12.62
N LEU A 113 25.92 23.17 11.60
CA LEU A 113 25.12 23.93 10.64
C LEU A 113 24.12 23.02 9.93
N ASP A 114 24.59 21.84 9.54
CA ASP A 114 23.78 20.85 8.83
C ASP A 114 22.63 20.32 9.69
N HIS A 115 22.94 19.93 10.93
CA HIS A 115 21.92 19.45 11.87
C HIS A 115 20.90 20.55 12.13
N ASN A 116 21.38 21.76 12.42
CA ASN A 116 20.49 22.88 12.68
C ASN A 116 19.55 23.15 11.51
N ASN A 117 20.09 23.14 10.30
CA ASN A 117 19.31 23.38 9.09
C ASN A 117 18.27 22.28 8.83
N PHE A 118 18.62 21.03 9.11
CA PHE A 118 17.69 19.93 8.89
C PHE A 118 16.39 20.12 9.69
N TRP A 119 16.51 20.28 11.01
CA TRP A 119 15.35 20.40 11.89
C TRP A 119 14.53 21.66 11.54
N ARG A 120 15.24 22.76 11.31
CA ARG A 120 14.63 24.02 10.92
C ARG A 120 13.81 23.90 9.65
N THR A 121 14.39 23.22 8.64
CA THR A 121 13.74 23.05 7.35
C THR A 121 12.51 22.16 7.45
N MET A 122 12.58 21.11 8.26
CA MET A 122 11.42 20.25 8.50
C MET A 122 10.24 21.09 8.97
N ASP A 123 10.48 21.99 9.92
CA ASP A 123 9.44 22.84 10.45
C ASP A 123 9.01 23.95 9.47
N ASP A 124 9.98 24.50 8.72
CA ASP A 124 9.71 25.51 7.68
C ASP A 124 8.74 24.95 6.64
N MET A 125 9.06 23.75 6.16
CA MET A 125 8.20 23.06 5.18
C MET A 125 6.83 22.77 5.77
N GLY A 126 6.82 22.33 7.03
CA GLY A 126 5.58 22.06 7.75
C GLY A 126 4.60 23.23 7.79
N ARG A 127 5.13 24.44 7.90
CA ARG A 127 4.31 25.66 7.99
C ARG A 127 3.50 25.92 6.73
N GLU A 128 3.91 25.31 5.62
CA GLU A 128 3.21 25.45 4.34
C GLU A 128 2.11 24.40 4.15
N ILE A 129 1.98 23.47 5.10
CA ILE A 129 1.05 22.34 4.98
C ILE A 129 -0.15 22.49 5.93
N PRO A 130 -1.36 22.71 5.40
CA PRO A 130 -2.56 22.78 6.24
C PRO A 130 -2.82 21.46 6.97
N SER A 131 -3.04 21.51 8.29
CA SER A 131 -3.29 20.31 9.08
C SER A 131 -4.50 19.52 8.62
N ASP A 132 -5.55 20.23 8.20
CA ASP A 132 -6.79 19.58 7.82
C ASP A 132 -6.88 19.26 6.32
N ALA A 133 -5.83 19.61 5.58
CA ALA A 133 -5.82 19.41 4.13
C ALA A 133 -4.40 19.47 3.56
N PRO A 134 -3.53 18.52 3.92
CA PRO A 134 -2.13 18.56 3.46
C PRO A 134 -1.96 18.62 1.96
N TRP A 135 -2.92 18.06 1.21
CA TRP A 135 -2.91 18.08 -0.26
C TRP A 135 -3.06 19.50 -0.83
N LYS A 136 -3.37 20.47 0.02
CA LYS A 136 -3.50 21.87 -0.39
C LYS A 136 -2.20 22.68 -0.23
N ALA A 137 -1.15 22.04 0.27
CA ALA A 137 0.16 22.71 0.32
C ALA A 137 0.56 23.19 -1.09
N PRO A 138 1.15 24.38 -1.19
CA PRO A 138 1.54 24.92 -2.52
C PRO A 138 2.38 23.96 -3.36
N LEU A 139 3.27 23.20 -2.72
CA LEU A 139 4.12 22.25 -3.41
C LEU A 139 3.75 20.81 -3.08
N ALA A 140 2.47 20.58 -2.83
CA ALA A 140 1.97 19.27 -2.40
C ALA A 140 2.41 18.15 -3.35
N GLU A 141 2.21 18.34 -4.64
CA GLU A 141 2.53 17.30 -5.61
C GLU A 141 4.03 17.00 -5.66
N GLU A 142 4.85 18.03 -5.75
CA GLU A 142 6.30 17.90 -5.71
C GLU A 142 6.78 17.13 -4.47
N TRP A 143 6.27 17.53 -3.30
CA TRP A 143 6.66 16.87 -2.05
C TRP A 143 6.11 15.44 -1.90
N ASP A 144 4.91 15.21 -2.43
CA ASP A 144 4.28 13.89 -2.34
C ASP A 144 4.91 12.87 -3.28
N ASN A 145 5.57 13.36 -4.33
CA ASN A 145 6.16 12.49 -5.34
C ASN A 145 7.60 12.09 -5.03
N MET A 146 8.09 12.47 -3.85
CA MET A 146 9.38 12.02 -3.39
C MET A 146 9.25 11.30 -2.05
N THR A 147 10.16 10.37 -1.77
CA THR A 147 10.20 9.72 -0.47
C THR A 147 10.98 10.58 0.51
N MET A 148 10.86 10.26 1.80
CA MET A 148 11.70 10.93 2.79
C MET A 148 13.18 10.65 2.55
N LYS A 149 13.52 9.49 1.98
CA LYS A 149 14.90 9.20 1.63
C LYS A 149 15.47 10.23 0.64
N GLU A 150 14.69 10.53 -0.40
CA GLU A 150 15.09 11.53 -1.39
C GLU A 150 15.25 12.90 -0.77
N LEU A 151 14.32 13.26 0.12
CA LEU A 151 14.40 14.56 0.78
C LEU A 151 15.65 14.68 1.66
N LEU A 152 15.93 13.64 2.43
CA LEU A 152 17.12 13.62 3.28
C LEU A 152 18.41 13.70 2.45
N ASP A 153 18.43 12.99 1.32
CA ASP A 153 19.58 13.01 0.41
C ASP A 153 19.85 14.43 -0.11
N LYS A 154 18.78 15.18 -0.37
CA LYS A 154 18.91 16.56 -0.86
C LYS A 154 19.32 17.53 0.26
N LEU A 155 18.75 17.34 1.43
CA LEU A 155 18.88 18.29 2.54
C LEU A 155 20.15 18.16 3.37
N CYS A 156 20.59 16.93 3.59
CA CYS A 156 21.67 16.65 4.54
C CYS A 156 23.02 16.58 3.84
N TRP A 157 23.89 17.54 4.16
CA TRP A 157 25.22 17.59 3.56
C TRP A 157 26.27 16.84 4.38
N THR A 158 25.87 16.34 5.55
CA THR A 158 26.71 15.45 6.34
C THR A 158 26.04 14.10 6.58
N GLU A 159 26.84 13.04 6.66
CA GLU A 159 26.32 11.72 6.99
C GLU A 159 25.74 11.69 8.41
N SER A 160 26.36 12.46 9.31
CA SER A 160 25.90 12.55 10.70
C SER A 160 24.44 13.01 10.78
N ALA A 161 24.12 14.07 10.05
CA ALA A 161 22.76 14.60 10.03
C ALA A 161 21.81 13.62 9.35
N LYS A 162 22.25 13.03 8.24
CA LYS A 162 21.42 12.06 7.52
C LYS A 162 21.10 10.84 8.39
N GLN A 163 22.08 10.34 9.13
CA GLN A 163 21.87 9.18 10.00
C GLN A 163 20.87 9.48 11.12
N LEU A 164 21.01 10.65 11.76
CA LEU A 164 20.10 11.02 12.84
C LEU A 164 18.69 11.29 12.32
N ALA A 165 18.60 11.93 11.15
CA ALA A 165 17.31 12.20 10.52
C ALA A 165 16.62 10.88 10.16
N THR A 166 17.41 9.90 9.71
CA THR A 166 16.86 8.58 9.36
C THR A 166 16.29 7.90 10.58
N LEU A 167 17.04 7.93 11.69
CA LEU A 167 16.59 7.38 12.95
C LEU A 167 15.27 8.05 13.38
N PHE A 168 15.24 9.39 13.29
CA PHE A 168 14.05 10.17 13.58
C PHE A 168 12.81 9.68 12.79
N VAL A 169 12.97 9.47 11.49
CA VAL A 169 11.86 8.99 10.67
C VAL A 169 11.43 7.59 11.11
N ASN A 170 12.38 6.67 11.26
CA ASN A 170 12.08 5.30 11.68
C ASN A 170 11.31 5.27 12.99
N LEU A 171 11.73 6.10 13.93
CA LEU A 171 11.14 6.15 15.27
C LEU A 171 9.75 6.79 15.30
N CYS A 172 9.57 7.82 14.48
CA CYS A 172 8.31 8.57 14.41
C CYS A 172 7.19 7.74 13.80
N VAL A 173 7.50 7.04 12.71
CA VAL A 173 6.46 6.41 11.89
C VAL A 173 6.69 4.91 11.57
N THR A 174 7.61 4.27 12.31
CA THR A 174 7.92 2.84 12.22
C THR A 174 8.02 2.33 10.78
N ALA A 175 8.67 3.13 9.96
CA ALA A 175 8.83 2.82 8.54
C ALA A 175 10.17 3.36 8.07
N GLU A 176 10.64 2.83 6.95
CA GLU A 176 11.91 3.26 6.38
C GLU A 176 11.71 4.57 5.63
N THR A 177 12.79 5.35 5.49
CA THR A 177 12.70 6.65 4.81
C THR A 177 12.27 6.51 3.35
N HIS A 178 12.70 5.42 2.72
CA HIS A 178 12.33 5.14 1.33
C HIS A 178 10.90 4.60 1.15
N GLU A 179 10.21 4.28 2.26
CA GLU A 179 8.86 3.74 2.19
C GLU A 179 7.79 4.83 2.17
N VAL A 180 8.11 6.01 2.70
CA VAL A 180 7.10 7.03 2.98
C VAL A 180 7.22 8.30 2.14
N SER A 181 6.07 8.88 1.81
CA SER A 181 6.00 10.19 1.17
C SER A 181 6.60 11.30 2.05
N ALA A 182 7.37 12.18 1.43
CA ALA A 182 7.89 13.36 2.12
C ALA A 182 6.75 14.30 2.55
N LEU A 183 5.79 14.54 1.67
CA LEU A 183 4.63 15.36 2.05
C LEU A 183 3.92 14.82 3.27
N TRP A 184 3.63 13.51 3.25
CA TRP A 184 2.91 12.91 4.36
C TRP A 184 3.72 13.01 5.65
N PHE A 185 5.01 12.70 5.59
CA PHE A 185 5.83 12.75 6.79
C PHE A 185 5.92 14.18 7.36
N LEU A 186 6.09 15.16 6.48
CA LEU A 186 6.16 16.56 6.91
C LEU A 186 4.84 17.00 7.53
N TRP A 187 3.73 16.54 6.95
CA TRP A 187 2.41 16.79 7.52
C TRP A 187 2.33 16.18 8.92
N TYR A 188 2.74 14.91 9.03
CA TYR A 188 2.64 14.16 10.27
C TYR A 188 3.34 14.87 11.43
N VAL A 189 4.55 15.35 11.18
CA VAL A 189 5.32 16.05 12.21
C VAL A 189 4.64 17.39 12.56
N LYS A 190 4.25 18.14 11.54
CA LYS A 190 3.63 19.46 11.74
C LYS A 190 2.33 19.36 12.56
N GLN A 191 1.52 18.34 12.27
CA GLN A 191 0.23 18.20 12.96
C GLN A 191 0.35 17.68 14.40
N CYS A 192 1.57 17.34 14.82
CA CYS A 192 1.86 17.06 16.23
C CYS A 192 2.45 18.27 16.93
N GLY A 193 2.64 19.36 16.17
CA GLY A 193 3.19 20.59 16.73
C GLY A 193 4.64 20.86 16.41
N GLY A 194 5.23 20.05 15.52
CA GLY A 194 6.59 20.27 15.07
C GLY A 194 7.64 19.35 15.69
N THR A 195 8.89 19.50 15.24
CA THR A 195 9.96 18.58 15.62
C THR A 195 10.22 18.54 17.12
N THR A 196 10.38 19.71 17.75
CA THR A 196 10.66 19.76 19.19
C THR A 196 9.57 19.06 20.01
N ARG A 197 8.32 19.38 19.70
CA ARG A 197 7.19 18.81 20.43
C ARG A 197 7.09 17.29 20.29
N ILE A 198 7.30 16.80 19.07
CA ILE A 198 7.16 15.36 18.82
C ILE A 198 8.28 14.53 19.44
N ILE A 199 9.50 15.06 19.48
CA ILE A 199 10.65 14.28 19.96
C ILE A 199 10.91 14.39 21.46
N SER A 200 10.30 15.38 22.10
CA SER A 200 10.64 15.67 23.49
C SER A 200 9.93 14.77 24.49
N THR A 201 10.64 14.47 25.58
CA THR A 201 10.02 13.85 26.73
C THR A 201 9.47 15.00 27.58
N THR A 202 10.34 15.67 28.34
CA THR A 202 9.91 16.91 29.01
C THR A 202 9.37 17.89 27.97
N ASN A 203 8.15 18.37 28.20
CA ASN A 203 7.43 19.30 27.30
C ASN A 203 7.05 18.74 25.92
N GLY A 204 7.04 17.42 25.80
CA GLY A 204 6.69 16.80 24.53
C GLY A 204 5.82 15.57 24.63
N GLY A 205 5.69 14.86 23.50
CA GLY A 205 4.82 13.70 23.40
C GLY A 205 5.10 12.56 24.35
N GLN A 206 6.32 12.48 24.85
CA GLN A 206 6.71 11.37 25.72
C GLN A 206 6.78 11.75 27.20
N GLU A 207 6.13 12.86 27.58
CA GLU A 207 6.27 13.37 28.95
C GLU A 207 5.71 12.44 30.03
N ARG A 208 4.58 11.81 29.72
CA ARG A 208 3.81 11.11 30.75
C ARG A 208 3.25 9.77 30.30
N LYS A 209 2.87 8.96 31.28
CA LYS A 209 2.11 7.73 31.07
C LYS A 209 0.94 7.73 32.06
N PHE A 210 -0.04 6.87 31.83
CA PHE A 210 -1.17 6.72 32.76
C PHE A 210 -0.80 5.74 33.86
N VAL A 211 -1.09 6.12 35.10
CA VAL A 211 -0.97 5.20 36.23
C VAL A 211 -1.96 4.06 36.02
N GLY A 212 -1.43 2.83 35.96
CA GLY A 212 -2.25 1.65 35.76
C GLY A 212 -2.41 1.22 34.31
N GLY A 213 -1.89 2.03 33.38
CA GLY A 213 -1.93 1.69 31.96
C GLY A 213 -3.00 2.39 31.15
N SER A 214 -2.72 2.60 29.86
CA SER A 214 -3.63 3.29 28.95
C SER A 214 -4.86 2.45 28.58
N GLY A 215 -4.76 1.13 28.74
CA GLY A 215 -5.87 0.23 28.45
C GLY A 215 -7.11 0.54 29.27
N GLN A 216 -6.91 1.17 30.41
CA GLN A 216 -8.01 1.58 31.29
C GLN A 216 -8.97 2.58 30.65
N VAL A 217 -8.48 3.34 29.67
CA VAL A 217 -9.36 4.31 28.98
C VAL A 217 -10.51 3.56 28.30
N SER A 218 -10.18 2.59 27.46
CA SER A 218 -11.18 1.81 26.76
C SER A 218 -11.98 0.92 27.71
N GLU A 219 -11.30 0.35 28.71
CA GLU A 219 -11.93 -0.55 29.66
C GLU A 219 -13.00 0.18 30.48
N ARG A 220 -12.68 1.40 30.92
CA ARG A 220 -13.61 2.15 31.75
C ARG A 220 -14.80 2.69 30.98
N ILE A 221 -14.60 2.98 29.68
CA ILE A 221 -15.74 3.31 28.84
C ILE A 221 -16.63 2.10 28.60
N MET A 222 -16.02 0.92 28.44
CA MET A 222 -16.78 -0.32 28.33
C MET A 222 -17.64 -0.55 29.59
N ASP A 223 -17.08 -0.26 30.75
CA ASP A 223 -17.82 -0.37 32.02
C ASP A 223 -19.06 0.52 32.00
N LEU A 224 -18.91 1.75 31.51
CA LEU A 224 -20.00 2.71 31.42
C LEU A 224 -21.10 2.30 30.44
N LEU A 225 -20.70 1.64 29.35
CA LEU A 225 -21.64 1.26 28.29
C LEU A 225 -22.34 -0.07 28.56
N GLY A 226 -21.76 -0.88 29.45
CA GLY A 226 -22.31 -2.19 29.80
C GLY A 226 -22.41 -3.16 28.65
N ASP A 227 -23.59 -3.73 28.48
CA ASP A 227 -23.83 -4.76 27.47
C ASP A 227 -23.88 -4.23 26.03
N ARG A 228 -23.72 -2.91 25.88
CA ARG A 228 -23.70 -2.29 24.55
C ARG A 228 -22.44 -2.60 23.76
N VAL A 229 -21.37 -2.99 24.45
CA VAL A 229 -20.14 -3.43 23.79
C VAL A 229 -20.20 -4.93 23.56
N LYS A 230 -20.08 -5.34 22.30
CA LYS A 230 -20.14 -6.75 21.91
C LYS A 230 -18.75 -7.23 21.49
N LEU A 231 -18.14 -8.07 22.31
CA LEU A 231 -16.81 -8.60 22.03
C LEU A 231 -16.88 -9.83 21.14
N GLU A 232 -15.80 -10.07 20.39
CA GLU A 232 -15.71 -11.16 19.43
C GLU A 232 -16.83 -11.08 18.38
N ARG A 233 -17.06 -9.86 17.91
CA ARG A 233 -18.00 -9.58 16.83
C ARG A 233 -17.28 -8.85 15.68
N PRO A 234 -16.44 -9.55 14.92
CA PRO A 234 -15.80 -8.93 13.76
C PRO A 234 -16.87 -8.62 12.71
N VAL A 235 -16.91 -7.39 12.25
CA VAL A 235 -17.85 -6.97 11.22
C VAL A 235 -17.35 -7.46 9.86
N ILE A 236 -18.26 -8.07 9.09
CA ILE A 236 -17.93 -8.66 7.79
C ILE A 236 -18.69 -8.04 6.62
N TYR A 237 -19.78 -7.34 6.92
CA TYR A 237 -20.72 -6.90 5.89
C TYR A 237 -21.53 -5.68 6.33
N ILE A 238 -21.57 -4.66 5.48
CA ILE A 238 -22.41 -3.49 5.71
C ILE A 238 -23.27 -3.25 4.47
N ASP A 239 -24.58 -3.19 4.70
CA ASP A 239 -25.57 -3.04 3.64
C ASP A 239 -26.34 -1.74 3.84
N GLN A 240 -26.23 -0.84 2.87
CA GLN A 240 -26.87 0.48 2.94
C GLN A 240 -27.97 0.67 1.88
N THR A 241 -28.48 -0.44 1.33
CA THR A 241 -29.48 -0.35 0.26
C THR A 241 -30.91 -0.07 0.76
N ARG A 242 -31.14 -0.28 2.05
CA ARG A 242 -32.49 -0.14 2.63
C ARG A 242 -32.61 1.09 3.54
N GLU A 243 -33.80 1.25 4.13
CA GLU A 243 -34.11 2.38 5.01
C GLU A 243 -33.15 2.49 6.19
N ASN A 244 -32.89 1.36 6.84
CA ASN A 244 -31.90 1.29 7.92
C ASN A 244 -30.66 0.54 7.44
N VAL A 245 -29.50 0.94 7.96
CA VAL A 245 -28.24 0.26 7.65
C VAL A 245 -28.17 -1.10 8.35
N LEU A 246 -27.73 -2.12 7.63
CA LEU A 246 -27.58 -3.46 8.19
C LEU A 246 -26.10 -3.80 8.34
N VAL A 247 -25.71 -4.19 9.54
CA VAL A 247 -24.33 -4.57 9.83
C VAL A 247 -24.27 -6.01 10.31
N GLU A 248 -23.54 -6.85 9.58
CA GLU A 248 -23.41 -8.26 9.93
C GLU A 248 -22.04 -8.60 10.50
N THR A 249 -22.02 -9.50 11.48
CA THR A 249 -20.77 -9.97 12.09
C THR A 249 -20.42 -11.40 11.67
N LEU A 250 -19.19 -11.80 11.95
CA LEU A 250 -18.67 -13.12 11.60
C LEU A 250 -19.41 -14.26 12.33
N ASN A 251 -19.83 -13.99 13.57
CA ASN A 251 -20.59 -14.97 14.36
C ASN A 251 -22.09 -14.97 14.05
N HIS A 252 -22.44 -14.41 12.88
CA HIS A 252 -23.78 -14.50 12.27
C HIS A 252 -24.86 -13.49 12.73
N GLU A 253 -24.53 -12.64 13.69
CA GLU A 253 -25.47 -11.66 14.22
C GLU A 253 -25.69 -10.49 13.26
N MET A 254 -26.90 -9.93 13.29
CA MET A 254 -27.26 -8.79 12.46
C MET A 254 -27.67 -7.59 13.31
N TYR A 255 -27.13 -6.42 12.96
CA TYR A 255 -27.44 -5.19 13.67
C TYR A 255 -28.03 -4.15 12.72
N GLU A 256 -29.07 -3.47 13.18
CA GLU A 256 -29.76 -2.45 12.40
C GLU A 256 -29.58 -1.08 13.05
N ALA A 257 -29.18 -0.10 12.24
CA ALA A 257 -28.91 1.25 12.73
C ALA A 257 -29.27 2.34 11.72
N LYS A 258 -29.41 3.56 12.22
CA LYS A 258 -29.61 4.74 11.38
C LYS A 258 -28.29 5.15 10.73
N TYR A 259 -27.20 5.05 11.50
CA TYR A 259 -25.86 5.42 11.03
C TYR A 259 -24.79 4.47 11.55
N VAL A 260 -23.62 4.49 10.89
CA VAL A 260 -22.48 3.70 11.31
C VAL A 260 -21.24 4.58 11.45
N ILE A 261 -20.45 4.34 12.49
CA ILE A 261 -19.10 4.91 12.58
C ILE A 261 -18.09 3.79 12.36
N SER A 262 -17.22 3.96 11.38
CA SER A 262 -16.11 3.06 11.16
C SER A 262 -14.90 3.60 11.95
N ALA A 263 -14.56 2.92 13.05
CA ALA A 263 -13.47 3.38 13.91
C ALA A 263 -12.28 2.41 13.88
N ILE A 264 -11.95 1.94 12.69
CA ILE A 264 -10.87 0.97 12.48
C ILE A 264 -9.81 1.61 11.56
N PRO A 265 -8.57 1.13 11.59
CA PRO A 265 -7.55 1.62 10.66
C PRO A 265 -8.08 1.57 9.22
N PRO A 266 -7.80 2.59 8.39
CA PRO A 266 -8.38 2.67 7.04
C PRO A 266 -8.27 1.36 6.25
N THR A 267 -7.08 0.75 6.21
CA THR A 267 -6.92 -0.46 5.41
C THR A 267 -7.75 -1.65 5.93
N LEU A 268 -8.05 -1.68 7.22
CA LEU A 268 -8.87 -2.76 7.76
C LEU A 268 -10.33 -2.71 7.29
N GLY A 269 -10.72 -1.60 6.67
CA GLY A 269 -11.99 -1.53 5.96
C GLY A 269 -12.12 -2.59 4.87
N MET A 270 -10.98 -3.09 4.39
CA MET A 270 -10.98 -4.15 3.40
C MET A 270 -11.59 -5.46 3.91
N LYS A 271 -11.64 -5.63 5.23
CA LYS A 271 -12.18 -6.86 5.82
C LYS A 271 -13.70 -6.89 5.80
N ILE A 272 -14.30 -5.79 5.35
CA ILE A 272 -15.75 -5.66 5.28
C ILE A 272 -16.18 -5.67 3.81
N HIS A 273 -17.23 -6.43 3.53
CA HIS A 273 -17.81 -6.46 2.20
C HIS A 273 -18.94 -5.43 2.17
N PHE A 274 -18.92 -4.56 1.16
CA PHE A 274 -19.88 -3.45 1.12
C PHE A 274 -20.94 -3.62 0.06
N ASN A 275 -22.17 -3.26 0.42
CA ASN A 275 -23.31 -3.20 -0.50
C ASN A 275 -24.07 -1.91 -0.24
N PRO A 276 -24.13 -0.99 -1.22
CA PRO A 276 -23.46 -1.14 -2.52
C PRO A 276 -21.93 -1.04 -2.38
N PRO A 277 -21.18 -1.34 -3.44
CA PRO A 277 -19.72 -1.19 -3.40
C PRO A 277 -19.31 0.23 -3.01
N LEU A 278 -18.16 0.36 -2.36
CA LEU A 278 -17.62 1.68 -2.03
C LEU A 278 -17.41 2.49 -3.31
N PRO A 279 -17.45 3.82 -3.21
CA PRO A 279 -17.07 4.67 -4.35
C PRO A 279 -15.63 4.37 -4.74
N MET A 280 -15.33 4.54 -6.03
CA MET A 280 -14.00 4.23 -6.59
C MET A 280 -12.81 4.71 -5.74
N MET A 281 -12.84 5.97 -5.34
CA MET A 281 -11.68 6.54 -4.63
C MET A 281 -11.43 5.84 -3.29
N ARG A 282 -12.47 5.63 -2.49
CA ARG A 282 -12.28 4.87 -1.25
C ARG A 282 -11.91 3.40 -1.49
N ASN A 283 -12.54 2.77 -2.48
CA ASN A 283 -12.24 1.38 -2.83
C ASN A 283 -10.74 1.16 -3.02
N GLN A 284 -10.11 2.07 -3.74
CA GLN A 284 -8.67 1.99 -3.98
C GLN A 284 -7.82 2.54 -2.84
N MET A 285 -8.30 3.59 -2.17
CA MET A 285 -7.54 4.18 -1.05
C MET A 285 -7.20 3.14 0.01
N ILE A 286 -8.17 2.27 0.35
CA ILE A 286 -7.98 1.34 1.45
C ILE A 286 -7.00 0.17 1.16
N THR A 287 -6.49 0.13 -0.07
CA THR A 287 -5.44 -0.82 -0.47
C THR A 287 -4.06 -0.16 -0.54
N ARG A 288 -4.01 1.13 -0.24
CA ARG A 288 -2.80 1.93 -0.47
C ARG A 288 -2.19 2.51 0.79
N VAL A 289 -2.70 2.06 1.94
CA VAL A 289 -2.39 2.71 3.22
C VAL A 289 -2.01 1.70 4.33
N PRO A 290 -0.77 1.21 4.27
CA PRO A 290 -0.30 0.21 5.26
C PRO A 290 0.01 0.84 6.61
N LEU A 291 0.11 -0.02 7.62
CA LEU A 291 0.60 0.42 8.93
C LEU A 291 2.06 0.00 9.11
N GLY A 292 2.77 0.69 10.00
CA GLY A 292 4.18 0.43 10.21
C GLY A 292 4.46 -0.84 10.98
N SER A 293 5.74 -1.09 11.25
CA SER A 293 6.21 -2.34 11.85
C SER A 293 7.03 -2.05 13.10
N VAL A 294 6.64 -2.66 14.21
CA VAL A 294 7.33 -2.43 15.49
C VAL A 294 7.13 -3.59 16.46
N ILE A 295 8.20 -3.90 17.21
CA ILE A 295 8.08 -4.74 18.41
C ILE A 295 8.41 -3.85 19.61
N LYS A 296 7.49 -3.79 20.57
CA LYS A 296 7.72 -3.06 21.81
C LYS A 296 8.25 -4.05 22.85
N CYS A 297 9.40 -3.74 23.43
CA CYS A 297 10.09 -4.69 24.30
C CYS A 297 10.41 -4.06 25.65
N ILE A 298 10.08 -4.76 26.73
CA ILE A 298 10.38 -4.22 28.07
C ILE A 298 11.21 -5.20 28.88
N VAL A 299 12.42 -4.79 29.23
CA VAL A 299 13.34 -5.61 30.02
C VAL A 299 13.33 -5.12 31.47
N TYR A 300 13.09 -6.04 32.40
CA TYR A 300 12.98 -5.72 33.82
C TYR A 300 14.26 -6.06 34.58
N TYR A 301 14.58 -5.22 35.56
CA TYR A 301 15.77 -5.37 36.39
C TYR A 301 15.42 -5.23 37.87
N LYS A 302 16.35 -5.67 38.72
CA LYS A 302 16.17 -5.56 40.18
C LYS A 302 16.06 -4.11 40.66
N GLU A 303 16.86 -3.22 40.06
CA GLU A 303 16.91 -1.80 40.40
C GLU A 303 17.12 -0.97 39.12
N PRO A 304 16.72 0.31 39.13
CA PRO A 304 17.03 1.20 37.99
C PRO A 304 18.48 1.67 38.07
N PHE A 305 19.38 0.71 37.86
CA PHE A 305 20.82 0.91 38.07
C PHE A 305 21.46 2.03 37.24
N TRP A 306 20.87 2.32 36.08
CA TRP A 306 21.36 3.40 35.22
C TRP A 306 21.35 4.76 35.90
N ARG A 307 20.38 4.97 36.80
CA ARG A 307 20.26 6.23 37.52
C ARG A 307 21.47 6.53 38.40
N LYS A 308 22.09 5.48 38.94
CA LYS A 308 23.27 5.64 39.79
C LYS A 308 24.48 6.16 39.01
N LYS A 309 24.46 5.93 37.69
CA LYS A 309 25.51 6.43 36.80
C LYS A 309 25.14 7.75 36.14
N ASP A 310 24.07 8.38 36.64
CA ASP A 310 23.57 9.66 36.13
C ASP A 310 23.06 9.52 34.69
N TYR A 311 22.44 8.38 34.39
CA TYR A 311 21.71 8.18 33.14
C TYR A 311 20.23 8.03 33.44
N CYS A 312 19.37 8.72 32.69
CA CYS A 312 17.94 8.62 32.95
C CYS A 312 17.29 7.34 32.41
N GLY A 313 17.93 6.72 31.42
CA GLY A 313 17.41 5.52 30.79
C GLY A 313 17.05 5.74 29.33
N THR A 314 17.08 7.00 28.89
CA THR A 314 16.88 7.35 27.48
C THR A 314 18.16 7.11 26.70
N MET A 315 18.06 6.29 25.66
CA MET A 315 19.18 6.02 24.76
C MET A 315 18.70 6.22 23.33
N ILE A 316 19.46 7.00 22.57
CA ILE A 316 19.26 7.14 21.14
C ILE A 316 20.43 6.38 20.49
N ILE A 317 20.12 5.26 19.86
CA ILE A 317 21.17 4.32 19.43
C ILE A 317 21.22 4.20 17.91
N ASP A 318 22.29 4.73 17.33
CA ASP A 318 22.54 4.74 15.89
C ASP A 318 23.13 3.40 15.45
N GLY A 319 22.89 3.02 14.19
CA GLY A 319 23.58 1.89 13.60
C GLY A 319 22.74 0.66 13.31
N GLU A 320 23.11 -0.04 12.24
CA GLU A 320 22.37 -1.20 11.77
C GLU A 320 22.39 -2.37 12.76
N GLU A 321 23.48 -2.53 13.48
CA GLU A 321 23.69 -3.67 14.36
C GLU A 321 22.78 -3.66 15.59
N ALA A 322 22.43 -2.45 16.05
CA ALA A 322 21.59 -2.30 17.24
C ALA A 322 20.14 -2.71 16.94
N PRO A 323 19.61 -3.70 17.67
CA PRO A 323 18.21 -4.11 17.47
C PRO A 323 17.21 -3.01 17.82
N VAL A 324 17.54 -2.23 18.85
CA VAL A 324 16.68 -1.15 19.36
C VAL A 324 17.36 0.19 19.11
N ALA A 325 16.62 1.14 18.56
CA ALA A 325 17.17 2.47 18.25
C ALA A 325 16.82 3.53 19.29
N TYR A 326 15.87 3.20 20.17
CA TYR A 326 15.41 4.18 21.16
C TYR A 326 14.83 3.49 22.38
N THR A 327 15.21 3.99 23.56
CA THR A 327 14.69 3.48 24.82
C THR A 327 14.23 4.61 25.73
N LEU A 328 13.35 4.25 26.65
CA LEU A 328 12.97 5.09 27.79
C LEU A 328 12.91 4.26 29.07
N ASP A 329 13.19 4.91 30.20
CA ASP A 329 12.98 4.33 31.52
C ASP A 329 11.49 3.99 31.65
N ASP A 330 11.18 2.74 32.00
CA ASP A 330 9.79 2.30 32.19
C ASP A 330 9.49 1.88 33.64
N THR A 331 10.36 2.30 34.55
CA THR A 331 10.19 2.07 35.98
C THR A 331 8.88 2.71 36.46
N LYS A 332 8.22 2.04 37.42
CA LYS A 332 6.99 2.59 37.99
C LYS A 332 7.28 3.89 38.75
N PRO A 333 6.28 4.77 38.87
CA PRO A 333 6.48 6.06 39.55
C PRO A 333 6.95 5.87 41.00
N GLU A 334 6.60 4.75 41.61
CA GLU A 334 7.00 4.40 42.98
C GLU A 334 8.49 4.04 43.07
N GLY A 335 9.11 3.76 41.93
CA GLY A 335 10.52 3.45 41.86
C GLY A 335 10.83 1.97 41.79
N ASN A 336 9.79 1.14 41.80
CA ASN A 336 9.94 -0.30 41.69
C ASN A 336 9.58 -0.82 40.30
N TYR A 337 9.71 -2.13 40.12
CA TYR A 337 9.57 -2.78 38.80
C TYR A 337 10.44 -2.06 37.77
N ALA A 338 11.70 -1.83 38.15
CA ALA A 338 12.68 -1.17 37.27
C ALA A 338 12.69 -1.83 35.90
N ALA A 339 12.72 -1.00 34.87
CA ALA A 339 12.59 -1.50 33.51
C ALA A 339 13.07 -0.50 32.46
N ILE A 340 13.53 -1.05 31.34
CA ILE A 340 13.85 -0.26 30.16
C ILE A 340 12.92 -0.69 29.04
N MET A 341 12.21 0.27 28.45
CA MET A 341 11.39 0.06 27.26
C MET A 341 12.18 0.41 26.00
N GLY A 342 12.14 -0.47 25.00
CA GLY A 342 12.76 -0.17 23.73
C GLY A 342 11.90 -0.58 22.56
N PHE A 343 12.07 0.10 21.42
CA PHE A 343 11.33 -0.22 20.20
C PHE A 343 12.29 -0.84 19.18
N ILE A 344 11.88 -1.97 18.60
CA ILE A 344 12.56 -2.54 17.44
C ILE A 344 11.77 -2.10 16.22
N LEU A 345 12.42 -1.34 15.33
CA LEU A 345 11.70 -0.52 14.34
C LEU A 345 11.80 -1.01 12.91
N ALA A 346 10.69 -0.91 12.18
CA ALA A 346 10.68 -1.03 10.72
C ALA A 346 11.33 -2.34 10.24
N HIS A 347 12.37 -2.29 9.40
CA HIS A 347 12.94 -3.54 8.88
C HIS A 347 13.50 -4.46 9.97
N LYS A 348 13.94 -3.89 11.09
CA LYS A 348 14.47 -4.70 12.17
C LYS A 348 13.38 -5.51 12.86
N ALA A 349 12.16 -4.98 12.89
CA ALA A 349 11.01 -5.73 13.41
C ALA A 349 10.78 -6.97 12.55
N ARG A 350 10.89 -6.80 11.24
CA ARG A 350 10.77 -7.90 10.27
C ARG A 350 11.89 -8.92 10.46
N LYS A 351 13.13 -8.43 10.55
CA LYS A 351 14.32 -9.28 10.63
C LYS A 351 14.39 -10.08 11.93
N LEU A 352 14.13 -9.41 13.05
CA LEU A 352 14.33 -10.03 14.36
C LEU A 352 13.13 -10.82 14.88
N ALA A 353 12.00 -10.72 14.18
CA ALA A 353 10.82 -11.53 14.50
C ALA A 353 11.11 -13.02 14.33
N ARG A 354 12.11 -13.34 13.52
CA ARG A 354 12.53 -14.71 13.24
C ARG A 354 13.14 -15.41 14.47
N LEU A 355 13.64 -14.63 15.41
CA LEU A 355 14.27 -15.16 16.62
C LEU A 355 13.24 -15.58 17.67
N THR A 356 13.71 -16.29 18.69
CA THR A 356 12.86 -16.60 19.85
C THR A 356 12.82 -15.40 20.79
N LYS A 357 11.85 -15.39 21.69
CA LYS A 357 11.76 -14.36 22.73
C LYS A 357 13.05 -14.27 23.55
N GLU A 358 13.59 -15.45 23.90
CA GLU A 358 14.83 -15.54 24.68
C GLU A 358 16.04 -14.99 23.91
N GLU A 359 16.08 -15.24 22.61
CA GLU A 359 17.13 -14.71 21.75
C GLU A 359 17.08 -13.18 21.63
N ARG A 360 15.87 -12.62 21.52
CA ARG A 360 15.70 -11.18 21.49
C ARG A 360 16.09 -10.53 22.82
N LEU A 361 15.68 -11.15 23.93
CA LEU A 361 16.08 -10.67 25.26
C LEU A 361 17.61 -10.58 25.39
N LYS A 362 18.31 -11.63 24.97
CA LYS A 362 19.78 -11.64 25.01
C LYS A 362 20.39 -10.49 24.22
N LYS A 363 19.92 -10.30 22.98
CA LYS A 363 20.42 -9.23 22.12
C LYS A 363 20.18 -7.85 22.74
N LEU A 364 19.01 -7.65 23.34
CA LEU A 364 18.69 -6.38 23.98
C LEU A 364 19.59 -6.11 25.19
N CYS A 365 19.77 -7.12 26.03
CA CYS A 365 20.60 -6.97 27.23
C CYS A 365 22.04 -6.67 26.89
N GLU A 366 22.56 -7.33 25.85
CA GLU A 366 23.93 -7.10 25.43
C GLU A 366 24.13 -5.70 24.84
N LEU A 367 23.12 -5.22 24.11
CA LEU A 367 23.15 -3.85 23.62
C LEU A 367 23.13 -2.85 24.77
N TYR A 368 22.19 -3.02 25.70
CA TYR A 368 22.07 -2.09 26.82
C TYR A 368 23.33 -2.08 27.69
N ALA A 369 23.96 -3.23 27.87
CA ALA A 369 25.22 -3.31 28.62
C ALA A 369 26.30 -2.46 27.98
N LYS A 370 26.39 -2.53 26.66
CA LYS A 370 27.32 -1.72 25.88
C LYS A 370 27.02 -0.23 26.01
N VAL A 371 25.77 0.15 25.76
CA VAL A 371 25.41 1.57 25.71
C VAL A 371 25.53 2.24 27.09
N LEU A 372 25.10 1.52 28.13
CA LEU A 372 25.12 2.03 29.50
C LEU A 372 26.45 1.77 30.20
N GLY A 373 27.33 1.03 29.53
CA GLY A 373 28.61 0.63 30.10
C GLY A 373 28.45 -0.08 31.44
N SER A 374 27.49 -1.00 31.50
CA SER A 374 27.07 -1.61 32.75
C SER A 374 26.81 -3.11 32.62
N LEU A 375 27.61 -3.91 33.33
CA LEU A 375 27.39 -5.35 33.39
C LEU A 375 26.04 -5.75 33.99
N GLU A 376 25.46 -4.87 34.80
CA GLU A 376 24.15 -5.12 35.43
C GLU A 376 23.05 -5.32 34.39
N ALA A 377 23.21 -4.75 33.20
CA ALA A 377 22.23 -4.90 32.13
C ALA A 377 22.12 -6.34 31.61
N LEU A 378 23.12 -7.16 31.93
CA LEU A 378 23.12 -8.57 31.55
C LEU A 378 22.36 -9.47 32.53
N GLU A 379 21.73 -8.86 33.53
CA GLU A 379 21.02 -9.61 34.57
C GLU A 379 19.53 -9.25 34.67
N PRO A 380 18.75 -9.50 33.61
CA PRO A 380 17.33 -9.18 33.64
C PRO A 380 16.59 -10.12 34.59
N VAL A 381 15.48 -9.64 35.17
CA VAL A 381 14.67 -10.46 36.06
C VAL A 381 13.37 -10.91 35.39
N HIS A 382 13.00 -10.21 34.30
CA HIS A 382 11.77 -10.49 33.58
C HIS A 382 11.79 -9.79 32.21
N TYR A 383 10.94 -10.25 31.30
CA TYR A 383 10.86 -9.68 29.96
C TYR A 383 9.44 -9.79 29.42
N GLU A 384 8.94 -8.71 28.81
CA GLU A 384 7.69 -8.73 28.06
C GLU A 384 7.87 -8.04 26.72
N GLU A 385 7.14 -8.52 25.71
CA GLU A 385 7.23 -7.94 24.37
C GLU A 385 5.92 -8.14 23.60
N LYS A 386 5.70 -7.29 22.60
CA LYS A 386 4.59 -7.47 21.68
C LYS A 386 5.00 -7.04 20.28
N ASN A 387 4.89 -7.97 19.34
CA ASN A 387 5.09 -7.70 17.92
C ASN A 387 3.74 -7.35 17.29
N TRP A 388 3.55 -6.07 16.95
CA TRP A 388 2.25 -5.64 16.45
C TRP A 388 2.01 -6.02 14.98
N CYS A 389 3.06 -6.43 14.28
CA CYS A 389 2.95 -6.86 12.88
C CYS A 389 2.08 -8.10 12.71
N GLU A 390 1.91 -8.85 13.79
CA GLU A 390 1.20 -10.13 13.71
C GLU A 390 -0.31 -10.01 13.92
N GLU A 391 -0.76 -8.80 14.25
CA GLU A 391 -2.17 -8.56 14.62
C GLU A 391 -3.10 -8.39 13.43
N GLN A 392 -4.01 -9.37 13.25
CA GLN A 392 -5.00 -9.33 12.17
C GLN A 392 -5.89 -8.09 12.23
N TYR A 393 -6.24 -7.67 13.45
CA TYR A 393 -7.18 -6.56 13.62
C TYR A 393 -6.52 -5.22 14.00
N SER A 394 -5.21 -5.15 13.79
CA SER A 394 -4.46 -3.88 13.83
C SER A 394 -3.74 -3.63 12.50
N GLY A 395 -3.01 -4.62 12.01
CA GLY A 395 -2.22 -4.51 10.78
C GLY A 395 -0.81 -4.01 10.97
N GLY A 396 -0.50 -3.53 12.18
CA GLY A 396 0.79 -2.96 12.52
C GLY A 396 0.64 -1.91 13.60
N CYS A 397 1.72 -1.15 13.83
CA CYS A 397 1.73 -0.01 14.75
C CYS A 397 2.90 0.91 14.37
N TYR A 398 2.91 2.18 14.80
CA TYR A 398 1.85 2.79 15.62
C TYR A 398 0.63 3.14 14.80
N THR A 399 0.85 3.48 13.54
CA THR A 399 -0.22 4.04 12.72
C THR A 399 0.01 3.79 11.24
N THR A 400 -0.92 4.31 10.44
CA THR A 400 -0.92 4.22 8.99
C THR A 400 0.08 5.21 8.40
N TYR A 401 0.91 4.73 7.46
CA TYR A 401 1.76 5.63 6.67
C TYR A 401 1.32 5.69 5.21
N PHE A 402 1.68 6.77 4.54
CA PHE A 402 1.34 6.98 3.12
C PHE A 402 2.59 6.90 2.26
N PRO A 403 2.65 5.91 1.37
CA PRO A 403 3.73 5.83 0.36
C PRO A 403 3.68 7.01 -0.62
N PRO A 404 4.75 7.23 -1.39
CA PRO A 404 4.76 8.35 -2.33
C PRO A 404 3.56 8.35 -3.27
N GLY A 405 2.95 9.52 -3.45
CA GLY A 405 1.89 9.72 -4.42
C GLY A 405 0.47 9.53 -3.93
N ILE A 406 0.31 8.96 -2.73
CA ILE A 406 -1.01 8.54 -2.26
C ILE A 406 -1.80 9.67 -1.60
N LEU A 407 -1.14 10.46 -0.76
CA LEU A 407 -1.83 11.49 0.01
C LEU A 407 -2.51 12.55 -0.87
N THR A 408 -1.85 12.97 -1.95
CA THR A 408 -2.44 13.97 -2.85
C THR A 408 -3.58 13.37 -3.67
N GLN A 409 -3.46 12.10 -4.03
CA GLN A 409 -4.45 11.47 -4.90
C GLN A 409 -5.69 10.97 -4.15
N TYR A 410 -5.50 10.50 -2.92
CA TYR A 410 -6.56 9.82 -2.17
C TYR A 410 -6.86 10.43 -0.79
N GLY A 411 -6.01 11.34 -0.32
CA GLY A 411 -6.15 11.92 1.01
C GLY A 411 -7.51 12.53 1.33
N ARG A 412 -8.09 13.21 0.35
CA ARG A 412 -9.41 13.85 0.48
C ARG A 412 -10.49 12.87 0.94
N VAL A 413 -10.30 11.60 0.61
CA VAL A 413 -11.27 10.52 0.85
C VAL A 413 -11.30 10.04 2.30
N LEU A 414 -10.22 10.28 3.04
CA LEU A 414 -10.02 9.63 4.34
C LEU A 414 -11.22 9.71 5.29
N ARG A 415 -11.78 10.90 5.48
CA ARG A 415 -12.92 11.06 6.38
C ARG A 415 -14.21 11.55 5.72
N GLN A 416 -14.27 11.41 4.39
CA GLN A 416 -15.49 11.70 3.64
C GLN A 416 -16.54 10.62 3.92
N PRO A 417 -17.73 11.00 4.41
CA PRO A 417 -18.78 10.01 4.68
C PRO A 417 -19.19 9.25 3.43
N VAL A 418 -19.56 7.98 3.60
CA VAL A 418 -20.09 7.17 2.51
C VAL A 418 -21.53 6.86 2.87
N ASP A 419 -22.46 7.65 2.32
CA ASP A 419 -23.89 7.60 2.66
C ASP A 419 -24.10 7.81 4.16
N ARG A 420 -24.35 6.73 4.91
CA ARG A 420 -24.58 6.83 6.34
C ARG A 420 -23.44 6.28 7.19
N ILE A 421 -22.31 5.98 6.55
CA ILE A 421 -21.07 5.61 7.27
C ILE A 421 -20.17 6.83 7.44
N TYR A 422 -19.78 7.08 8.69
CA TYR A 422 -18.86 8.18 9.02
C TYR A 422 -17.57 7.56 9.54
N PHE A 423 -16.46 8.28 9.43
CA PHE A 423 -15.16 7.69 9.68
C PHE A 423 -14.40 8.30 10.84
N ALA A 424 -14.09 7.47 11.83
CA ALA A 424 -13.28 7.87 12.97
C ALA A 424 -11.93 7.16 12.86
N GLY A 425 -11.29 6.90 14.00
CA GLY A 425 -9.95 6.33 14.00
C GLY A 425 -8.90 7.42 13.96
N THR A 426 -7.79 7.19 14.64
CA THR A 426 -6.76 8.22 14.78
C THR A 426 -6.22 8.75 13.45
N GLU A 427 -6.26 7.91 12.42
CA GLU A 427 -5.78 8.28 11.10
C GLU A 427 -6.54 9.47 10.48
N THR A 428 -7.76 9.70 10.96
CA THR A 428 -8.59 10.80 10.43
C THR A 428 -8.50 12.09 11.25
N ALA A 429 -7.67 12.10 12.29
CA ALA A 429 -7.49 13.30 13.12
C ALA A 429 -6.66 14.37 12.42
N THR A 430 -6.74 15.61 12.92
CA THR A 430 -5.98 16.73 12.36
C THR A 430 -4.94 17.28 13.34
N HIS A 431 -4.95 16.76 14.56
CA HIS A 431 -4.00 17.13 15.62
C HIS A 431 -3.65 15.87 16.39
N TRP A 432 -2.37 15.51 16.37
CA TRP A 432 -1.86 14.24 16.90
C TRP A 432 -2.53 12.99 16.28
N SER A 433 -2.80 13.05 14.97
CA SER A 433 -3.14 11.85 14.23
C SER A 433 -2.02 10.84 14.41
N GLY A 434 -2.38 9.58 14.65
CA GLY A 434 -1.42 8.52 14.91
C GLY A 434 -1.33 8.14 16.38
N TYR A 435 -1.88 9.00 17.24
CA TYR A 435 -1.76 8.89 18.69
C TYR A 435 -3.13 8.65 19.34
N MET A 436 -3.11 8.32 20.63
CA MET A 436 -4.35 8.22 21.41
C MET A 436 -5.14 9.53 21.38
N GLU A 437 -4.44 10.66 21.43
CA GLU A 437 -5.08 11.98 21.33
C GLU A 437 -5.90 12.11 20.04
N GLY A 438 -5.31 11.73 18.91
CA GLY A 438 -6.00 11.76 17.63
C GLY A 438 -7.20 10.82 17.58
N ALA A 439 -7.11 9.68 18.26
CA ALA A 439 -8.22 8.76 18.35
C ALA A 439 -9.43 9.44 19.00
N VAL A 440 -9.18 10.19 20.08
CA VAL A 440 -10.28 10.90 20.75
C VAL A 440 -10.86 11.97 19.85
N GLU A 441 -10.00 12.77 19.23
CA GLU A 441 -10.46 13.86 18.34
C GLU A 441 -11.38 13.30 17.25
N ALA A 442 -10.94 12.23 16.60
CA ALA A 442 -11.65 11.64 15.47
C ALA A 442 -12.96 10.98 15.85
N GLY A 443 -12.97 10.28 16.99
CA GLY A 443 -14.16 9.60 17.47
C GLY A 443 -15.26 10.59 17.83
N GLU A 444 -14.89 11.64 18.54
CA GLU A 444 -15.85 12.66 18.96
C GLU A 444 -16.35 13.50 17.78
N ARG A 445 -15.46 13.78 16.83
CA ARG A 445 -15.82 14.51 15.62
C ARG A 445 -16.78 13.70 14.73
N ALA A 446 -16.52 12.41 14.56
CA ALA A 446 -17.41 11.52 13.81
C ALA A 446 -18.80 11.43 14.48
N ALA A 447 -18.80 11.32 15.79
CA ALA A 447 -20.05 11.28 16.56
C ALA A 447 -20.87 12.56 16.34
N ARG A 448 -20.19 13.70 16.35
CA ARG A 448 -20.86 14.99 16.16
C ARG A 448 -21.36 15.18 14.72
N GLU A 449 -20.67 14.59 13.76
CA GLU A 449 -21.15 14.57 12.37
C GLU A 449 -22.53 13.91 12.28
N ILE A 450 -22.70 12.82 13.03
CA ILE A 450 -23.98 12.11 13.08
C ILE A 450 -25.03 12.94 13.83
N LEU A 451 -24.65 13.54 14.95
CA LEU A 451 -25.56 14.43 15.67
C LEU A 451 -26.07 15.56 14.77
N HIS A 452 -25.18 16.12 13.95
CA HIS A 452 -25.58 17.15 12.99
C HIS A 452 -26.52 16.59 11.92
N ALA A 453 -26.22 15.41 11.41
CA ALA A 453 -27.06 14.74 10.42
C ALA A 453 -28.47 14.48 10.94
N MET A 454 -28.59 14.27 12.24
CA MET A 454 -29.88 14.06 12.89
C MET A 454 -30.58 15.38 13.25
N GLY A 455 -29.90 16.50 12.99
CA GLY A 455 -30.43 17.83 13.28
C GLY A 455 -30.40 18.21 14.75
N LYS A 456 -29.54 17.54 15.53
CA LYS A 456 -29.44 17.76 16.97
C LYS A 456 -28.47 18.88 17.36
N ILE A 457 -27.49 19.13 16.50
CA ILE A 457 -26.53 20.22 16.69
C ILE A 457 -26.30 20.98 15.38
N PRO A 458 -25.93 22.27 15.45
CA PRO A 458 -25.59 23.03 14.24
C PRO A 458 -24.25 22.62 13.65
N GLU A 459 -24.02 22.97 12.39
CA GLU A 459 -22.80 22.62 11.65
C GLU A 459 -21.51 23.08 12.35
N ASP A 460 -21.54 24.27 12.92
CA ASP A 460 -20.35 24.86 13.54
C ASP A 460 -19.93 24.18 14.85
N GLU A 461 -20.68 23.15 15.25
CA GLU A 461 -20.39 22.39 16.47
C GLU A 461 -19.77 21.02 16.20
N ILE A 462 -19.61 20.67 14.92
CA ILE A 462 -18.98 19.39 14.54
C ILE A 462 -17.53 19.34 14.99
N TRP A 463 -16.78 20.41 14.70
CA TRP A 463 -15.40 20.54 15.15
C TRP A 463 -15.34 21.42 16.38
N GLN A 464 -14.86 20.85 17.49
CA GLN A 464 -14.85 21.52 18.78
C GLN A 464 -13.43 21.67 19.32
N SER A 465 -13.11 22.89 19.76
CA SER A 465 -11.84 23.16 20.43
C SER A 465 -11.81 22.50 21.81
N GLU A 466 -10.61 22.30 22.35
CA GLU A 466 -10.43 21.67 23.65
C GLU A 466 -9.65 22.59 24.59
N PRO A 467 -10.19 22.87 25.78
CA PRO A 467 -9.48 23.67 26.78
C PRO A 467 -8.17 23.00 27.20
N GLU A 468 -7.14 23.78 27.47
CA GLU A 468 -5.87 23.23 27.91
C GLU A 468 -5.99 22.56 29.28
N SER A 469 -5.35 21.40 29.41
CA SER A 469 -5.25 20.67 30.67
C SER A 469 -4.60 21.53 31.74
N VAL A 470 -5.18 21.51 32.94
CA VAL A 470 -4.58 22.20 34.09
C VAL A 470 -3.45 21.38 34.71
N ASP A 471 -3.50 20.06 34.51
CA ASP A 471 -2.55 19.13 35.10
C ASP A 471 -1.28 19.01 34.27
N VAL A 472 -1.42 19.15 32.96
CA VAL A 472 -0.31 19.02 32.02
C VAL A 472 -0.20 20.27 31.14
N PRO A 473 0.32 21.36 31.71
CA PRO A 473 0.46 22.61 30.96
C PRO A 473 1.52 22.51 29.87
N ALA A 474 1.32 23.26 28.79
CA ALA A 474 2.24 23.24 27.66
C ALA A 474 3.10 24.48 27.64
N GLN A 475 4.41 24.29 27.71
CA GLN A 475 5.36 25.38 27.51
C GLN A 475 5.51 25.61 26.02
N PRO A 476 5.61 26.86 25.58
CA PRO A 476 5.76 27.16 24.15
C PRO A 476 7.07 26.64 23.57
N ILE A 477 7.08 26.34 22.28
CA ILE A 477 8.30 25.93 21.60
C ILE A 477 9.05 27.18 21.15
N THR A 478 10.29 27.31 21.60
CA THR A 478 11.12 28.49 21.31
C THR A 478 12.36 28.11 20.51
N THR A 479 12.91 29.09 19.80
CA THR A 479 14.20 28.95 19.12
C THR A 479 15.11 30.11 19.52
N THR A 480 16.42 29.93 19.33
CA THR A 480 17.38 31.01 19.56
C THR A 480 17.62 31.79 18.27
N PHE A 481 18.23 32.98 18.41
CA PHE A 481 18.59 33.81 17.26
C PHE A 481 19.50 33.08 16.29
N LEU A 482 20.51 32.38 16.82
CA LEU A 482 21.47 31.63 16.02
C LEU A 482 20.81 30.46 15.29
N GLU A 483 19.91 29.75 15.98
CA GLU A 483 19.17 28.63 15.38
C GLU A 483 18.35 29.09 14.17
N ARG A 484 17.77 30.29 14.27
CA ARG A 484 16.95 30.86 13.21
C ARG A 484 17.75 31.34 12.00
N HIS A 485 18.94 31.91 12.24
CA HIS A 485 19.65 32.64 11.20
C HIS A 485 20.98 32.08 10.71
N LEU A 486 21.51 31.06 11.40
CA LEU A 486 22.73 30.40 10.94
C LEU A 486 22.48 29.78 9.57
N PRO A 487 23.44 29.91 8.65
CA PRO A 487 23.28 29.39 7.29
C PRO A 487 23.31 27.86 7.24
N SER A 488 22.71 27.30 6.20
CA SER A 488 22.88 25.88 5.88
C SER A 488 24.29 25.69 5.34
N VAL A 489 24.67 24.44 5.08
CA VAL A 489 25.95 24.14 4.46
C VAL A 489 26.07 24.79 3.06
N PRO A 490 25.12 24.55 2.15
CA PRO A 490 25.13 25.22 0.84
C PRO A 490 25.03 26.74 0.95
N GLY A 491 24.32 27.23 1.98
CA GLY A 491 24.22 28.66 2.26
C GLY A 491 25.56 29.28 2.61
N LEU A 492 26.36 28.56 3.41
CA LEU A 492 27.71 28.99 3.77
C LEU A 492 28.65 28.99 2.56
N LEU A 493 28.51 27.99 1.71
CA LEU A 493 29.32 27.86 0.48
C LEU A 493 29.01 28.96 -0.52
N ARG A 494 27.75 29.40 -0.55
CA ARG A 494 27.33 30.52 -1.40
C ARG A 494 27.91 31.84 -0.90
N LEU A 495 28.01 31.96 0.42
CA LEU A 495 28.62 33.13 1.06
C LEU A 495 30.14 33.17 0.83
N ILE A 496 30.76 32.00 0.71
CA ILE A 496 32.18 31.88 0.38
C ILE A 496 32.42 32.22 -1.09
N GLY A 497 31.54 31.73 -1.96
CA GLY A 497 31.61 31.99 -3.40
C GLY A 497 31.47 33.46 -3.77
N LEU A 498 30.77 34.22 -2.92
CA LEU A 498 30.53 35.65 -3.16
C LEU A 498 31.72 36.53 -2.72
N THR A 499 32.29 36.20 -1.56
CA THR A 499 33.44 36.94 -1.01
C THR A 499 34.70 36.74 -1.85
N THR A 500 34.84 35.56 -2.44
CA THR A 500 35.98 35.25 -3.30
C THR A 500 35.91 35.98 -4.64
N ILE A 501 34.70 36.23 -5.12
CA ILE A 501 34.48 36.91 -6.39
C ILE A 501 34.73 38.43 -6.28
N ASN B 3 -20.82 -28.69 -0.25
CA ASN B 3 -20.36 -29.03 1.13
C ASN B 3 -18.93 -29.59 1.18
N LYS B 4 -18.78 -30.90 0.98
CA LYS B 4 -17.46 -31.54 1.13
C LYS B 4 -16.81 -31.87 -0.22
N CYS B 5 -15.52 -31.54 -0.33
CA CYS B 5 -14.73 -31.78 -1.54
C CYS B 5 -13.25 -31.97 -1.22
N ASP B 6 -12.42 -32.16 -2.25
CA ASP B 6 -10.97 -32.28 -2.08
C ASP B 6 -10.30 -30.91 -2.00
N VAL B 7 -10.63 -30.02 -2.94
CA VAL B 7 -10.02 -28.69 -2.99
C VAL B 7 -11.07 -27.60 -3.24
N VAL B 8 -11.02 -26.54 -2.45
CA VAL B 8 -11.80 -25.34 -2.71
C VAL B 8 -10.88 -24.33 -3.39
N VAL B 9 -11.32 -23.81 -4.53
CA VAL B 9 -10.60 -22.74 -5.22
C VAL B 9 -11.38 -21.46 -4.98
N VAL B 10 -10.70 -20.47 -4.39
CA VAL B 10 -11.30 -19.17 -4.15
C VAL B 10 -10.95 -18.25 -5.31
N GLY B 11 -11.98 -17.86 -6.07
CA GLY B 11 -11.80 -17.02 -7.24
C GLY B 11 -11.94 -17.76 -8.56
N GLY B 12 -12.84 -17.26 -9.40
CA GLY B 12 -13.10 -17.84 -10.71
C GLY B 12 -12.65 -16.98 -11.88
N GLY B 13 -11.50 -16.33 -11.73
CA GLY B 13 -10.82 -15.73 -12.86
C GLY B 13 -10.05 -16.81 -13.61
N ILE B 14 -9.23 -16.41 -14.57
CA ILE B 14 -8.48 -17.40 -15.36
C ILE B 14 -7.58 -18.29 -14.48
N SER B 15 -6.96 -17.72 -13.45
CA SER B 15 -6.05 -18.51 -12.62
C SER B 15 -6.80 -19.60 -11.85
N GLY B 16 -7.92 -19.23 -11.23
CA GLY B 16 -8.73 -20.15 -10.45
C GLY B 16 -9.35 -21.22 -11.31
N MET B 17 -9.85 -20.80 -12.47
CA MET B 17 -10.42 -21.73 -13.45
C MET B 17 -9.39 -22.73 -13.99
N ALA B 18 -8.19 -22.25 -14.31
CA ALA B 18 -7.11 -23.13 -14.78
C ALA B 18 -6.71 -24.15 -13.72
N ALA B 19 -6.63 -23.70 -12.46
CA ALA B 19 -6.32 -24.58 -11.33
C ALA B 19 -7.40 -25.64 -11.17
N ALA B 20 -8.65 -25.20 -11.16
CA ALA B 20 -9.79 -26.10 -10.96
C ALA B 20 -9.87 -27.13 -12.08
N LYS B 21 -9.64 -26.69 -13.32
CA LYS B 21 -9.66 -27.61 -14.47
C LYS B 21 -8.60 -28.70 -14.35
N LEU B 22 -7.37 -28.31 -13.98
CA LEU B 22 -6.28 -29.27 -13.84
C LEU B 22 -6.59 -30.31 -12.76
N LEU B 23 -7.11 -29.85 -11.62
CA LEU B 23 -7.43 -30.74 -10.51
C LEU B 23 -8.60 -31.67 -10.86
N HIS B 24 -9.63 -31.12 -11.50
CA HIS B 24 -10.77 -31.88 -11.99
C HIS B 24 -10.34 -32.95 -12.98
N ASP B 25 -9.45 -32.57 -13.91
CA ASP B 25 -8.90 -33.50 -14.91
C ASP B 25 -8.03 -34.57 -14.27
N SER B 26 -7.55 -34.34 -13.05
CA SER B 26 -6.70 -35.30 -12.35
C SER B 26 -7.51 -36.28 -11.52
N GLY B 27 -8.82 -36.06 -11.45
CA GLY B 27 -9.72 -36.97 -10.73
C GLY B 27 -10.20 -36.47 -9.38
N LEU B 28 -9.81 -35.26 -9.01
CA LEU B 28 -10.19 -34.70 -7.72
C LEU B 28 -11.54 -33.99 -7.78
N ASN B 29 -12.21 -33.93 -6.63
CA ASN B 29 -13.46 -33.19 -6.51
C ASN B 29 -13.18 -31.73 -6.12
N VAL B 30 -13.50 -30.82 -7.04
CA VAL B 30 -13.21 -29.40 -6.84
C VAL B 30 -14.47 -28.55 -6.79
N VAL B 31 -14.40 -27.46 -6.03
CA VAL B 31 -15.44 -26.44 -6.01
C VAL B 31 -14.76 -25.09 -6.21
N VAL B 32 -15.34 -24.26 -7.06
CA VAL B 32 -14.88 -22.88 -7.25
C VAL B 32 -15.85 -21.92 -6.60
N LEU B 33 -15.36 -21.11 -5.68
CA LEU B 33 -16.20 -20.11 -5.02
C LEU B 33 -15.87 -18.74 -5.58
N GLU B 34 -16.83 -18.15 -6.28
CA GLU B 34 -16.65 -16.88 -6.98
C GLU B 34 -17.58 -15.79 -6.41
N ALA B 35 -16.99 -14.66 -6.06
CA ALA B 35 -17.72 -13.55 -5.44
C ALA B 35 -18.79 -12.91 -6.32
N ARG B 36 -18.48 -12.75 -7.62
CA ARG B 36 -19.37 -12.05 -8.54
C ARG B 36 -20.45 -12.96 -9.10
N ASP B 37 -21.39 -12.36 -9.83
CA ASP B 37 -22.41 -13.11 -10.58
C ASP B 37 -21.91 -13.61 -11.94
N ARG B 38 -20.60 -13.57 -12.14
CA ARG B 38 -19.96 -14.02 -13.38
C ARG B 38 -18.57 -14.56 -13.09
N VAL B 39 -18.03 -15.35 -14.02
CA VAL B 39 -16.63 -15.74 -13.97
C VAL B 39 -15.78 -14.78 -14.83
N GLY B 40 -14.47 -14.91 -14.73
CA GLY B 40 -13.56 -14.15 -15.60
C GLY B 40 -12.72 -13.09 -14.90
N GLY B 41 -13.25 -12.52 -13.82
CA GLY B 41 -12.50 -11.56 -13.02
C GLY B 41 -12.06 -10.30 -13.76
N ARG B 42 -10.74 -10.16 -13.92
CA ARG B 42 -10.17 -9.03 -14.65
C ARG B 42 -10.28 -9.17 -16.18
N THR B 43 -10.86 -10.29 -16.64
CA THR B 43 -11.35 -10.35 -18.02
C THR B 43 -12.87 -10.28 -18.01
N TYR B 44 -13.42 -9.57 -18.98
CA TYR B 44 -14.87 -9.40 -19.11
C TYR B 44 -15.18 -9.05 -20.55
N THR B 45 -15.95 -9.92 -21.21
CA THR B 45 -16.40 -9.69 -22.58
C THR B 45 -17.87 -9.32 -22.58
N LEU B 46 -18.16 -8.10 -23.02
CA LEU B 46 -19.54 -7.59 -23.14
C LEU B 46 -20.07 -7.93 -24.51
N ARG B 47 -21.31 -8.41 -24.57
CA ARG B 47 -21.96 -8.68 -25.85
C ARG B 47 -23.21 -7.83 -25.98
N ASN B 48 -23.31 -7.14 -27.10
CA ASN B 48 -24.55 -6.46 -27.51
C ASN B 48 -24.56 -6.28 -29.01
N GLN B 49 -25.68 -5.78 -29.51
CA GLN B 49 -25.88 -5.65 -30.94
C GLN B 49 -24.92 -4.68 -31.61
N LYS B 50 -24.59 -3.61 -30.90
CA LYS B 50 -23.78 -2.53 -31.45
C LYS B 50 -22.31 -2.91 -31.61
N VAL B 51 -21.82 -3.78 -30.74
CA VAL B 51 -20.39 -4.13 -30.72
C VAL B 51 -20.12 -5.57 -31.15
N LYS B 52 -21.18 -6.38 -31.18
CA LYS B 52 -21.10 -7.85 -31.23
C LYS B 52 -20.49 -8.40 -29.94
N TYR B 53 -19.18 -8.24 -29.78
CA TYR B 53 -18.49 -8.52 -28.53
C TYR B 53 -17.35 -7.52 -28.34
N VAL B 54 -17.01 -7.22 -27.09
CA VAL B 54 -15.84 -6.38 -26.81
C VAL B 54 -15.21 -6.75 -25.47
N ASP B 55 -13.89 -6.89 -25.47
CA ASP B 55 -13.15 -7.10 -24.22
C ASP B 55 -13.01 -5.79 -23.47
N LEU B 56 -13.57 -5.73 -22.26
CA LEU B 56 -13.46 -4.54 -21.42
C LEU B 56 -12.36 -4.67 -20.38
N GLY B 57 -11.83 -5.89 -20.25
CA GLY B 57 -10.68 -6.17 -19.38
C GLY B 57 -9.52 -6.70 -20.19
N GLY B 58 -8.80 -7.69 -19.65
CA GLY B 58 -7.68 -8.28 -20.37
C GLY B 58 -8.08 -8.81 -21.73
N SER B 59 -7.23 -8.58 -22.74
CA SER B 59 -7.61 -8.91 -24.12
C SER B 59 -6.46 -9.49 -24.96
N TYR B 60 -5.29 -8.88 -24.86
CA TYR B 60 -4.18 -9.18 -25.77
C TYR B 60 -3.39 -10.38 -25.34
N VAL B 61 -3.02 -11.19 -26.34
CA VAL B 61 -2.07 -12.30 -26.16
C VAL B 61 -1.03 -12.23 -27.27
N GLY B 62 0.11 -12.88 -27.08
CA GLY B 62 1.14 -12.83 -28.10
C GLY B 62 2.20 -13.91 -27.94
N PRO B 63 3.19 -13.90 -28.83
CA PRO B 63 4.27 -14.90 -28.80
C PRO B 63 4.96 -14.98 -27.45
N THR B 64 5.37 -16.20 -27.09
CA THR B 64 5.93 -16.60 -25.78
C THR B 64 4.91 -16.80 -24.66
N GLN B 65 3.64 -16.46 -24.90
CA GLN B 65 2.58 -16.70 -23.94
C GLN B 65 1.92 -18.03 -24.24
N ASN B 66 2.68 -19.10 -24.09
CA ASN B 66 2.26 -20.40 -24.61
C ASN B 66 1.18 -21.13 -23.80
N ARG B 67 1.09 -20.82 -22.51
CA ARG B 67 0.11 -21.47 -21.64
C ARG B 67 -1.32 -21.02 -21.90
N ILE B 68 -1.54 -19.70 -21.99
CA ILE B 68 -2.87 -19.18 -22.30
C ILE B 68 -3.29 -19.60 -23.71
N LEU B 69 -2.33 -19.62 -24.63
CA LEU B 69 -2.60 -20.04 -26.00
C LEU B 69 -3.02 -21.50 -26.06
N ARG B 70 -2.33 -22.35 -25.29
CA ARG B 70 -2.65 -23.78 -25.26
C ARG B 70 -4.00 -24.07 -24.59
N LEU B 71 -4.25 -23.41 -23.46
CA LEU B 71 -5.51 -23.55 -22.76
C LEU B 71 -6.69 -23.09 -23.63
N ALA B 72 -6.54 -21.94 -24.28
CA ALA B 72 -7.58 -21.40 -25.14
C ALA B 72 -7.85 -22.31 -26.34
N LYS B 73 -6.79 -22.84 -26.93
CA LYS B 73 -6.92 -23.75 -28.07
C LYS B 73 -7.71 -25.00 -27.68
N GLU B 74 -7.38 -25.57 -26.53
CA GLU B 74 -8.07 -26.75 -26.02
C GLU B 74 -9.56 -26.52 -25.83
N LEU B 75 -9.91 -25.29 -25.45
CA LEU B 75 -11.30 -24.90 -25.22
C LEU B 75 -12.04 -24.52 -26.51
N GLY B 76 -11.34 -24.58 -27.64
CA GLY B 76 -11.94 -24.34 -28.95
C GLY B 76 -11.88 -22.90 -29.44
N LEU B 77 -11.00 -22.10 -28.84
CA LEU B 77 -10.86 -20.70 -29.23
C LEU B 77 -9.77 -20.49 -30.27
N GLU B 78 -9.89 -19.40 -31.03
CA GLU B 78 -8.90 -19.01 -32.04
C GLU B 78 -8.48 -17.56 -31.79
N THR B 79 -7.31 -17.19 -32.31
CA THR B 79 -6.85 -15.79 -32.25
C THR B 79 -6.88 -15.14 -33.62
N TYR B 80 -6.84 -13.80 -33.61
CA TYR B 80 -6.60 -13.03 -34.82
C TYR B 80 -5.60 -11.93 -34.50
N LYS B 81 -4.97 -11.38 -35.54
CA LYS B 81 -3.93 -10.38 -35.36
C LYS B 81 -4.49 -8.96 -35.25
N VAL B 82 -4.01 -8.23 -34.23
CA VAL B 82 -4.31 -6.81 -34.08
C VAL B 82 -3.72 -6.08 -35.28
N ASN B 83 -4.47 -5.13 -35.84
CA ASN B 83 -4.03 -4.43 -37.04
C ASN B 83 -2.78 -3.57 -36.84
N GLU B 84 -1.70 -3.93 -37.54
CA GLU B 84 -0.49 -3.12 -37.56
C GLU B 84 0.12 -3.05 -38.97
N VAL B 85 -0.75 -3.09 -39.97
CA VAL B 85 -0.32 -3.04 -41.37
C VAL B 85 0.23 -1.67 -41.75
N GLU B 86 -0.48 -0.63 -41.39
CA GLU B 86 -0.13 0.74 -41.75
C GLU B 86 0.75 1.41 -40.70
N ARG B 87 0.94 2.73 -40.80
CA ARG B 87 1.89 3.42 -39.93
C ARG B 87 1.34 3.68 -38.53
N LEU B 88 2.25 3.61 -37.56
CA LEU B 88 1.97 4.03 -36.19
C LEU B 88 2.14 5.55 -36.10
N ILE B 89 1.59 6.15 -35.04
CA ILE B 89 1.76 7.59 -34.83
C ILE B 89 2.33 7.89 -33.46
N HIS B 90 3.35 8.75 -33.43
CA HIS B 90 3.82 9.34 -32.18
C HIS B 90 3.42 10.81 -32.20
N HIS B 91 2.57 11.20 -31.26
CA HIS B 91 2.09 12.57 -31.16
C HIS B 91 2.86 13.26 -30.03
N VAL B 92 3.69 14.24 -30.39
CA VAL B 92 4.54 14.91 -29.42
C VAL B 92 4.46 16.41 -29.63
N LYS B 93 4.30 17.15 -28.52
CA LYS B 93 4.17 18.61 -28.53
C LYS B 93 3.17 19.10 -29.59
N GLY B 94 2.00 18.48 -29.60
CA GLY B 94 0.88 18.88 -30.44
C GLY B 94 0.97 18.52 -31.91
N LYS B 95 1.89 17.63 -32.26
CA LYS B 95 2.15 17.26 -33.65
C LYS B 95 2.27 15.75 -33.84
N SER B 96 1.73 15.24 -34.95
CA SER B 96 1.78 13.79 -35.23
C SER B 96 2.93 13.42 -36.15
N TYR B 97 3.68 12.39 -35.75
CA TYR B 97 4.82 11.91 -36.52
C TYR B 97 4.65 10.41 -36.82
N PRO B 98 4.24 10.08 -38.05
CA PRO B 98 4.04 8.67 -38.43
C PRO B 98 5.36 7.90 -38.49
N PHE B 99 5.31 6.62 -38.13
CA PHE B 99 6.50 5.77 -38.15
C PHE B 99 6.16 4.29 -38.33
N ARG B 100 7.20 3.50 -38.57
CA ARG B 100 7.10 2.05 -38.69
C ARG B 100 8.07 1.39 -37.71
N GLY B 101 7.78 0.16 -37.33
CA GLY B 101 8.57 -0.55 -36.33
C GLY B 101 8.02 -0.28 -34.94
N PRO B 102 8.53 -1.00 -33.93
CA PRO B 102 8.01 -0.90 -32.57
C PRO B 102 8.36 0.39 -31.81
N PHE B 103 9.48 1.03 -32.17
CA PHE B 103 9.96 2.21 -31.44
C PHE B 103 9.79 3.50 -32.25
N PRO B 104 9.20 4.54 -31.65
CA PRO B 104 9.12 5.85 -32.29
C PRO B 104 10.51 6.46 -32.48
N PRO B 105 10.81 6.92 -33.71
CA PRO B 105 12.15 7.42 -34.06
C PRO B 105 12.49 8.74 -33.37
N VAL B 106 13.79 8.94 -33.21
CA VAL B 106 14.36 10.14 -32.59
C VAL B 106 15.42 10.66 -33.56
N TRP B 107 15.38 11.96 -33.85
CA TRP B 107 16.25 12.52 -34.89
C TRP B 107 17.45 13.32 -34.37
N ASN B 108 17.24 14.06 -33.28
CA ASN B 108 18.33 14.77 -32.60
C ASN B 108 19.37 13.76 -32.07
N PRO B 109 20.65 13.98 -32.37
CA PRO B 109 21.71 12.98 -32.13
C PRO B 109 21.93 12.69 -30.65
N ILE B 110 21.91 13.73 -29.84
CA ILE B 110 22.08 13.60 -28.40
C ILE B 110 20.88 12.85 -27.82
N THR B 111 19.70 13.22 -28.29
CA THR B 111 18.45 12.57 -27.88
C THR B 111 18.43 11.09 -28.28
N TYR B 112 18.94 10.79 -29.48
CA TYR B 112 19.07 9.40 -29.94
C TYR B 112 19.90 8.58 -28.98
N LEU B 113 21.07 9.10 -28.58
CA LEU B 113 21.95 8.40 -27.65
C LEU B 113 21.24 8.15 -26.31
N ASP B 114 20.53 9.17 -25.85
CA ASP B 114 19.80 9.11 -24.57
C ASP B 114 18.68 8.08 -24.60
N HIS B 115 17.85 8.11 -25.65
CA HIS B 115 16.78 7.13 -25.85
C HIS B 115 17.34 5.71 -25.94
N ASN B 116 18.36 5.54 -26.79
CA ASN B 116 18.97 4.24 -26.96
C ASN B 116 19.49 3.68 -25.64
N ASN B 117 20.15 4.54 -24.86
CA ASN B 117 20.72 4.12 -23.59
C ASN B 117 19.66 3.74 -22.57
N PHE B 118 18.55 4.47 -22.56
CA PHE B 118 17.48 4.18 -21.61
C PHE B 118 16.97 2.74 -21.76
N TRP B 119 16.52 2.39 -22.97
CA TRP B 119 15.95 1.07 -23.23
C TRP B 119 16.98 -0.03 -22.97
N ARG B 120 18.20 0.21 -23.45
CA ARG B 120 19.30 -0.74 -23.27
C ARG B 120 19.57 -0.99 -21.79
N THR B 121 19.61 0.08 -21.00
CA THR B 121 19.88 -0.02 -19.57
C THR B 121 18.79 -0.76 -18.82
N MET B 122 17.54 -0.52 -19.18
CA MET B 122 16.41 -1.27 -18.62
C MET B 122 16.62 -2.79 -18.75
N ASP B 123 17.03 -3.21 -19.94
CA ASP B 123 17.27 -4.63 -20.18
C ASP B 123 18.56 -5.12 -19.52
N ASP B 124 19.60 -4.28 -19.53
CA ASP B 124 20.86 -4.61 -18.84
C ASP B 124 20.61 -4.90 -17.36
N MET B 125 19.85 -4.03 -16.72
CA MET B 125 19.52 -4.17 -15.31
C MET B 125 18.68 -5.42 -15.07
N GLY B 126 17.72 -5.66 -15.97
CA GLY B 126 16.88 -6.85 -15.91
C GLY B 126 17.65 -8.17 -15.90
N ARG B 127 18.79 -8.21 -16.58
CA ARG B 127 19.56 -9.45 -16.70
C ARG B 127 20.14 -9.91 -15.36
N GLU B 128 20.22 -8.98 -14.42
CA GLU B 128 20.71 -9.27 -13.07
C GLU B 128 19.59 -9.64 -12.08
N ILE B 129 18.35 -9.70 -12.56
CA ILE B 129 17.20 -9.97 -11.69
C ILE B 129 16.59 -11.35 -11.99
N PRO B 130 16.71 -12.31 -11.07
CA PRO B 130 16.10 -13.63 -11.27
C PRO B 130 14.57 -13.54 -11.34
N SER B 131 13.98 -14.16 -12.36
CA SER B 131 12.52 -14.10 -12.54
C SER B 131 11.75 -14.68 -11.36
N ASP B 132 12.28 -15.74 -10.77
CA ASP B 132 11.60 -16.44 -9.68
C ASP B 132 11.97 -15.91 -8.29
N ALA B 133 12.87 -14.92 -8.25
CA ALA B 133 13.35 -14.36 -6.99
C ALA B 133 14.02 -13.00 -7.19
N PRO B 134 13.25 -11.97 -7.56
CA PRO B 134 13.83 -10.65 -7.80
C PRO B 134 14.60 -10.07 -6.61
N TRP B 135 14.22 -10.45 -5.39
CA TRP B 135 14.90 -10.00 -4.17
C TRP B 135 16.33 -10.55 -4.06
N LYS B 136 16.70 -11.47 -4.95
CA LYS B 136 18.06 -12.02 -5.01
C LYS B 136 18.98 -11.30 -5.99
N ALA B 137 18.47 -10.26 -6.66
CA ALA B 137 19.34 -9.42 -7.48
C ALA B 137 20.49 -8.88 -6.64
N PRO B 138 21.70 -8.83 -7.19
CA PRO B 138 22.86 -8.33 -6.45
C PRO B 138 22.64 -6.95 -5.82
N LEU B 139 21.92 -6.07 -6.52
CA LEU B 139 21.64 -4.73 -6.01
C LEU B 139 20.16 -4.58 -5.66
N ALA B 140 19.55 -5.67 -5.19
CA ALA B 140 18.11 -5.68 -4.91
C ALA B 140 17.68 -4.54 -3.98
N GLU B 141 18.40 -4.36 -2.88
CA GLU B 141 18.02 -3.35 -1.90
C GLU B 141 18.16 -1.93 -2.45
N GLU B 142 19.30 -1.65 -3.07
CA GLU B 142 19.53 -0.36 -3.70
C GLU B 142 18.43 -0.01 -4.72
N TRP B 143 18.09 -0.96 -5.58
CA TRP B 143 17.07 -0.73 -6.60
C TRP B 143 15.64 -0.69 -6.03
N ASP B 144 15.39 -1.45 -4.99
CA ASP B 144 14.06 -1.48 -4.37
C ASP B 144 13.77 -0.23 -3.54
N ASN B 145 14.83 0.44 -3.11
CA ASN B 145 14.68 1.62 -2.25
C ASN B 145 14.56 2.93 -3.03
N MET B 146 14.50 2.84 -4.36
CA MET B 146 14.23 4.01 -5.17
C MET B 146 12.98 3.78 -6.02
N THR B 147 12.28 4.87 -6.37
CA THR B 147 11.16 4.77 -7.28
C THR B 147 11.64 4.79 -8.73
N MET B 148 10.76 4.41 -9.66
CA MET B 148 11.09 4.55 -11.06
C MET B 148 11.32 6.01 -11.43
N LYS B 149 10.65 6.93 -10.74
CA LYS B 149 10.90 8.37 -10.99
C LYS B 149 12.35 8.74 -10.73
N GLU B 150 12.90 8.26 -9.60
CA GLU B 150 14.30 8.50 -9.25
C GLU B 150 15.25 7.92 -10.27
N LEU B 151 14.95 6.69 -10.73
CA LEU B 151 15.79 6.04 -11.73
C LEU B 151 15.78 6.80 -13.04
N LEU B 152 14.61 7.23 -13.50
CA LEU B 152 14.50 8.00 -14.74
C LEU B 152 15.23 9.33 -14.64
N ASP B 153 15.16 9.97 -13.47
CA ASP B 153 15.87 11.23 -13.22
C ASP B 153 17.38 11.06 -13.33
N LYS B 154 17.89 9.92 -12.89
CA LYS B 154 19.32 9.60 -12.99
C LYS B 154 19.75 9.23 -14.41
N LEU B 155 18.91 8.45 -15.09
CA LEU B 155 19.27 7.83 -16.36
C LEU B 155 19.10 8.75 -17.57
N CYS B 156 18.04 9.55 -17.56
CA CYS B 156 17.64 10.31 -18.73
C CYS B 156 18.22 11.72 -18.73
N TRP B 157 19.11 11.97 -19.69
CA TRP B 157 19.75 13.27 -19.81
C TRP B 157 18.97 14.25 -20.68
N THR B 158 17.94 13.74 -21.37
CA THR B 158 17.02 14.59 -22.14
C THR B 158 15.60 14.47 -21.61
N GLU B 159 14.84 15.55 -21.74
CA GLU B 159 13.42 15.54 -21.38
C GLU B 159 12.60 14.66 -22.30
N SER B 160 12.98 14.60 -23.58
CA SER B 160 12.35 13.72 -24.56
C SER B 160 12.34 12.27 -24.09
N ALA B 161 13.52 11.77 -23.69
CA ALA B 161 13.64 10.39 -23.23
C ALA B 161 12.88 10.18 -21.93
N LYS B 162 12.96 11.14 -21.02
CA LYS B 162 12.29 11.04 -19.73
C LYS B 162 10.77 10.97 -19.90
N GLN B 163 10.23 11.80 -20.79
CA GLN B 163 8.78 11.80 -21.06
C GLN B 163 8.30 10.48 -21.66
N LEU B 164 9.04 9.94 -22.63
CA LEU B 164 8.66 8.68 -23.26
C LEU B 164 8.78 7.52 -22.28
N ALA B 165 9.86 7.52 -21.49
CA ALA B 165 10.04 6.52 -20.44
C ALA B 165 8.91 6.54 -19.43
N THR B 166 8.45 7.75 -19.10
CA THR B 166 7.35 7.93 -18.15
C THR B 166 6.07 7.33 -18.71
N LEU B 167 5.77 7.65 -19.98
CA LEU B 167 4.63 7.08 -20.68
C LEU B 167 4.70 5.54 -20.65
N PHE B 168 5.87 4.99 -20.96
CA PHE B 168 6.11 3.55 -20.94
C PHE B 168 5.75 2.96 -19.58
N VAL B 169 6.23 3.56 -18.49
CA VAL B 169 5.90 3.07 -17.16
C VAL B 169 4.39 3.14 -16.90
N ASN B 170 3.77 4.27 -17.20
CA ASN B 170 2.33 4.46 -16.97
C ASN B 170 1.52 3.40 -17.71
N LEU B 171 1.91 3.13 -18.95
CA LEU B 171 1.21 2.20 -19.82
C LEU B 171 1.39 0.73 -19.41
N CYS B 172 2.60 0.40 -18.97
CA CYS B 172 2.95 -0.96 -18.58
C CYS B 172 2.24 -1.39 -17.30
N VAL B 173 2.21 -0.49 -16.32
CA VAL B 173 1.78 -0.88 -14.96
C VAL B 173 0.70 0.01 -14.33
N THR B 174 0.07 0.85 -15.15
CA THR B 174 -1.04 1.74 -14.76
C THR B 174 -0.80 2.46 -13.44
N ALA B 175 0.42 2.96 -13.30
CA ALA B 175 0.85 3.64 -12.09
C ALA B 175 1.87 4.70 -12.46
N GLU B 176 2.02 5.68 -11.57
CA GLU B 176 2.97 6.76 -11.78
C GLU B 176 4.38 6.28 -11.47
N THR B 177 5.38 6.92 -12.09
CA THR B 177 6.76 6.51 -11.87
C THR B 177 7.18 6.67 -10.42
N HIS B 178 6.63 7.67 -9.74
CA HIS B 178 6.94 7.91 -8.34
C HIS B 178 6.21 6.96 -7.37
N GLU B 179 5.27 6.16 -7.89
CA GLU B 179 4.49 5.25 -7.04
C GLU B 179 5.17 3.88 -6.88
N VAL B 180 6.01 3.51 -7.85
CA VAL B 180 6.50 2.13 -7.95
C VAL B 180 8.00 1.97 -7.70
N SER B 181 8.37 0.83 -7.09
CA SER B 181 9.77 0.45 -6.92
C SER B 181 10.47 0.24 -8.26
N ALA B 182 11.70 0.71 -8.37
CA ALA B 182 12.52 0.45 -9.55
C ALA B 182 12.83 -1.03 -9.71
N LEU B 183 13.17 -1.71 -8.61
CA LEU B 183 13.45 -3.14 -8.67
C LEU B 183 12.24 -3.89 -9.21
N TRP B 184 11.06 -3.59 -8.66
CA TRP B 184 9.86 -4.30 -9.08
C TRP B 184 9.55 -4.05 -10.55
N PHE B 185 9.66 -2.79 -10.98
CA PHE B 185 9.37 -2.47 -12.37
C PHE B 185 10.35 -3.15 -13.34
N LEU B 186 11.63 -3.13 -12.98
CA LEU B 186 12.65 -3.77 -13.80
C LEU B 186 12.43 -5.29 -13.87
N TRP B 187 12.04 -5.89 -12.73
CA TRP B 187 11.64 -7.30 -12.71
C TRP B 187 10.46 -7.53 -13.66
N TYR B 188 9.44 -6.67 -13.55
CA TYR B 188 8.20 -6.83 -14.31
C TYR B 188 8.48 -6.88 -15.81
N VAL B 189 9.31 -5.97 -16.30
CA VAL B 189 9.65 -5.93 -17.72
C VAL B 189 10.47 -7.16 -18.13
N LYS B 190 11.46 -7.51 -17.32
CA LYS B 190 12.34 -8.64 -17.61
C LYS B 190 11.57 -9.97 -17.68
N GLN B 191 10.60 -10.15 -16.79
CA GLN B 191 9.84 -11.41 -16.72
C GLN B 191 8.78 -11.54 -17.83
N CYS B 192 8.61 -10.48 -18.62
CA CYS B 192 7.81 -10.57 -19.84
C CYS B 192 8.69 -10.77 -21.07
N GLY B 193 10.00 -10.83 -20.85
CA GLY B 193 10.95 -11.02 -21.94
C GLY B 193 11.70 -9.79 -22.41
N GLY B 194 11.57 -8.69 -21.67
CA GLY B 194 12.30 -7.47 -21.98
C GLY B 194 11.50 -6.40 -22.69
N THR B 195 12.13 -5.25 -22.93
CA THR B 195 11.43 -4.06 -23.43
C THR B 195 10.78 -4.28 -24.79
N THR B 196 11.53 -4.85 -25.74
CA THR B 196 10.99 -5.04 -27.08
C THR B 196 9.76 -5.95 -27.08
N ARG B 197 9.87 -7.06 -26.35
CA ARG B 197 8.77 -8.03 -26.29
C ARG B 197 7.51 -7.43 -25.66
N ILE B 198 7.67 -6.68 -24.57
CA ILE B 198 6.52 -6.14 -23.85
C ILE B 198 5.80 -5.02 -24.61
N ILE B 199 6.55 -4.20 -25.37
CA ILE B 199 5.95 -3.04 -26.04
C ILE B 199 5.46 -3.33 -27.46
N SER B 200 5.86 -4.46 -28.02
CA SER B 200 5.56 -4.73 -29.42
C SER B 200 4.16 -5.28 -29.66
N THR B 201 3.56 -4.88 -30.78
CA THR B 201 2.36 -5.52 -31.27
C THR B 201 2.82 -6.72 -32.10
N THR B 202 3.26 -6.49 -33.33
CA THR B 202 3.92 -7.57 -34.08
C THR B 202 5.09 -8.13 -33.27
N ASN B 203 5.06 -9.45 -33.05
CA ASN B 203 6.09 -10.19 -32.29
C ASN B 203 6.15 -9.83 -30.80
N GLY B 204 5.07 -9.30 -30.25
CA GLY B 204 5.06 -8.91 -28.85
C GLY B 204 3.74 -9.19 -28.14
N GLY B 205 3.63 -8.65 -26.93
CA GLY B 205 2.46 -8.90 -26.08
C GLY B 205 1.12 -8.47 -26.64
N GLN B 206 1.11 -7.55 -27.60
CA GLN B 206 -0.13 -7.04 -28.16
C GLN B 206 -0.46 -7.60 -29.55
N GLU B 207 0.16 -8.71 -29.92
CA GLU B 207 0.01 -9.22 -31.30
C GLU B 207 -1.41 -9.65 -31.66
N ARG B 208 -2.11 -10.25 -30.72
CA ARG B 208 -3.36 -10.95 -31.00
C ARG B 208 -4.45 -10.73 -29.96
N LYS B 209 -5.69 -11.02 -30.36
CA LYS B 209 -6.84 -11.08 -29.46
C LYS B 209 -7.58 -12.38 -29.74
N PHE B 210 -8.45 -12.79 -28.83
CA PHE B 210 -9.29 -13.97 -29.06
C PHE B 210 -10.54 -13.64 -29.83
N VAL B 211 -10.83 -14.43 -30.86
CA VAL B 211 -12.09 -14.29 -31.59
C VAL B 211 -13.23 -14.60 -30.62
N GLY B 212 -14.13 -13.64 -30.45
CA GLY B 212 -15.26 -13.77 -29.54
C GLY B 212 -15.01 -13.27 -28.12
N GLY B 213 -13.77 -12.89 -27.82
CA GLY B 213 -13.45 -12.34 -26.51
C GLY B 213 -12.72 -13.28 -25.56
N SER B 214 -11.88 -12.71 -24.70
CA SER B 214 -11.11 -13.49 -23.73
C SER B 214 -11.96 -14.07 -22.60
N GLY B 215 -13.13 -13.47 -22.36
CA GLY B 215 -14.04 -13.97 -21.34
C GLY B 215 -14.44 -15.41 -21.57
N GLN B 216 -14.36 -15.86 -22.82
CA GLN B 216 -14.71 -17.23 -23.17
C GLN B 216 -13.81 -18.27 -22.51
N VAL B 217 -12.59 -17.88 -22.15
CA VAL B 217 -11.69 -18.81 -21.47
C VAL B 217 -12.32 -19.28 -20.15
N SER B 218 -12.69 -18.34 -19.30
CA SER B 218 -13.27 -18.68 -18.01
C SER B 218 -14.67 -19.26 -18.16
N GLU B 219 -15.42 -18.75 -19.12
CA GLU B 219 -16.78 -19.22 -19.38
C GLU B 219 -16.80 -20.68 -19.80
N ARG B 220 -15.90 -21.05 -20.70
CA ARG B 220 -15.86 -22.43 -21.21
C ARG B 220 -15.36 -23.43 -20.19
N ILE B 221 -14.49 -22.99 -19.28
CA ILE B 221 -14.07 -23.86 -18.17
C ILE B 221 -15.23 -24.02 -17.19
N MET B 222 -16.01 -22.96 -16.98
CA MET B 222 -17.21 -23.06 -16.15
C MET B 222 -18.19 -24.08 -16.75
N ASP B 223 -18.32 -24.08 -18.08
CA ASP B 223 -19.16 -25.07 -18.77
C ASP B 223 -18.70 -26.50 -18.46
N LEU B 224 -17.39 -26.72 -18.49
CA LEU B 224 -16.80 -28.04 -18.23
C LEU B 224 -17.00 -28.50 -16.79
N LEU B 225 -16.98 -27.56 -15.86
CA LEU B 225 -17.05 -27.91 -14.43
C LEU B 225 -18.50 -28.03 -13.93
N GLY B 226 -19.43 -27.46 -14.68
CA GLY B 226 -20.85 -27.52 -14.35
C GLY B 226 -21.21 -26.86 -13.03
N ASP B 227 -21.89 -27.62 -12.17
CA ASP B 227 -22.38 -27.09 -10.90
C ASP B 227 -21.29 -26.90 -9.84
N ARG B 228 -20.05 -27.24 -10.20
CA ARG B 228 -18.90 -27.09 -9.30
C ARG B 228 -18.49 -25.62 -9.08
N VAL B 229 -18.90 -24.74 -10.00
CA VAL B 229 -18.66 -23.31 -9.87
C VAL B 229 -19.86 -22.66 -9.19
N LYS B 230 -19.60 -21.99 -8.06
CA LYS B 230 -20.65 -21.33 -7.29
C LYS B 230 -20.51 -19.82 -7.40
N LEU B 231 -21.45 -19.20 -8.10
CA LEU B 231 -21.43 -17.75 -8.31
C LEU B 231 -22.09 -17.03 -7.15
N GLU B 232 -21.68 -15.78 -6.92
CA GLU B 232 -22.19 -14.96 -5.81
C GLU B 232 -21.93 -15.64 -4.47
N ARG B 233 -20.73 -16.20 -4.34
CA ARG B 233 -20.22 -16.78 -3.11
C ARG B 233 -18.90 -16.12 -2.71
N PRO B 234 -18.95 -14.88 -2.22
CA PRO B 234 -17.72 -14.24 -1.71
C PRO B 234 -17.27 -14.98 -0.46
N VAL B 235 -16.01 -15.40 -0.44
CA VAL B 235 -15.41 -16.04 0.73
C VAL B 235 -15.10 -14.97 1.79
N ILE B 236 -15.52 -15.25 3.02
CA ILE B 236 -15.36 -14.32 4.15
C ILE B 236 -14.48 -14.87 5.29
N TYR B 237 -14.29 -16.19 5.30
CA TYR B 237 -13.69 -16.86 6.46
C TYR B 237 -13.05 -18.20 6.08
N ILE B 238 -11.80 -18.38 6.48
CA ILE B 238 -11.10 -19.66 6.31
C ILE B 238 -10.55 -20.12 7.65
N ASP B 239 -10.93 -21.35 8.04
CA ASP B 239 -10.59 -21.94 9.32
C ASP B 239 -9.75 -23.19 9.10
N GLN B 240 -8.51 -23.15 9.58
CA GLN B 240 -7.57 -24.26 9.41
C GLN B 240 -7.21 -24.95 10.74
N THR B 241 -8.03 -24.78 11.76
CA THR B 241 -7.72 -25.34 13.09
C THR B 241 -8.07 -26.83 13.21
N ARG B 242 -8.88 -27.34 12.28
CA ARG B 242 -9.36 -28.72 12.36
C ARG B 242 -8.74 -29.63 11.29
N GLU B 243 -9.18 -30.89 11.28
CA GLU B 243 -8.70 -31.91 10.34
C GLU B 243 -8.88 -31.49 8.87
N ASN B 244 -10.08 -30.99 8.56
CA ASN B 244 -10.38 -30.45 7.25
C ASN B 244 -10.49 -28.92 7.31
N VAL B 245 -10.09 -28.26 6.23
CA VAL B 245 -10.21 -26.80 6.13
C VAL B 245 -11.68 -26.41 5.92
N LEU B 246 -12.12 -25.39 6.65
CA LEU B 246 -13.48 -24.88 6.53
C LEU B 246 -13.48 -23.51 5.84
N VAL B 247 -14.26 -23.39 4.78
CA VAL B 247 -14.37 -22.14 4.04
C VAL B 247 -15.81 -21.65 4.04
N GLU B 248 -16.02 -20.46 4.60
CA GLU B 248 -17.35 -19.88 4.69
C GLU B 248 -17.54 -18.73 3.71
N THR B 249 -18.75 -18.64 3.15
CA THR B 249 -19.11 -17.55 2.24
C THR B 249 -20.07 -16.55 2.87
N LEU B 250 -20.23 -15.41 2.21
CA LEU B 250 -21.09 -14.31 2.68
C LEU B 250 -22.57 -14.70 2.74
N ASN B 251 -23.00 -15.54 1.80
CA ASN B 251 -24.38 -16.05 1.78
C ASN B 251 -24.61 -17.24 2.71
N HIS B 252 -23.69 -17.41 3.68
CA HIS B 252 -23.83 -18.33 4.83
C HIS B 252 -23.43 -19.80 4.63
N GLU B 253 -23.07 -20.17 3.40
CA GLU B 253 -22.71 -21.54 3.08
C GLU B 253 -21.33 -21.92 3.62
N MET B 254 -21.16 -23.20 3.96
CA MET B 254 -19.89 -23.72 4.46
C MET B 254 -19.36 -24.83 3.56
N TYR B 255 -18.07 -24.75 3.26
CA TYR B 255 -17.40 -25.73 2.42
C TYR B 255 -16.22 -26.37 3.16
N GLU B 256 -16.10 -27.69 3.01
CA GLU B 256 -15.07 -28.46 3.67
C GLU B 256 -14.14 -29.08 2.63
N ALA B 257 -12.84 -28.88 2.81
CA ALA B 257 -11.85 -29.38 1.86
C ALA B 257 -10.54 -29.80 2.53
N LYS B 258 -9.75 -30.60 1.81
CA LYS B 258 -8.43 -30.99 2.24
C LYS B 258 -7.44 -29.83 2.05
N TYR B 259 -7.61 -29.09 0.96
CA TYR B 259 -6.73 -27.95 0.62
C TYR B 259 -7.52 -26.80 0.00
N VAL B 260 -6.92 -25.62 0.02
CA VAL B 260 -7.50 -24.43 -0.60
C VAL B 260 -6.49 -23.78 -1.54
N ILE B 261 -6.98 -23.31 -2.70
CA ILE B 261 -6.21 -22.42 -3.55
C ILE B 261 -6.81 -21.03 -3.48
N SER B 262 -5.98 -20.05 -3.11
CA SER B 262 -6.38 -18.65 -3.15
C SER B 262 -5.97 -18.09 -4.51
N ALA B 263 -6.96 -17.86 -5.37
CA ALA B 263 -6.69 -17.37 -6.72
C ALA B 263 -7.21 -15.95 -6.92
N ILE B 264 -6.99 -15.11 -5.92
CA ILE B 264 -7.44 -13.71 -5.94
C ILE B 264 -6.21 -12.79 -5.84
N PRO B 265 -6.32 -11.53 -6.28
CA PRO B 265 -5.22 -10.57 -6.10
C PRO B 265 -4.75 -10.57 -4.65
N PRO B 266 -3.44 -10.48 -4.40
CA PRO B 266 -2.91 -10.60 -3.03
C PRO B 266 -3.65 -9.71 -2.01
N THR B 267 -3.86 -8.44 -2.33
CA THR B 267 -4.50 -7.55 -1.35
C THR B 267 -5.94 -7.92 -1.02
N LEU B 268 -6.63 -8.58 -1.95
CA LEU B 268 -8.01 -9.00 -1.70
C LEU B 268 -8.13 -10.13 -0.68
N GLY B 269 -6.99 -10.75 -0.34
CA GLY B 269 -6.93 -11.64 0.82
C GLY B 269 -7.38 -10.95 2.10
N MET B 270 -7.31 -9.61 2.14
CA MET B 270 -7.77 -8.84 3.30
C MET B 270 -9.27 -8.99 3.56
N LYS B 271 -10.02 -9.37 2.53
CA LYS B 271 -11.48 -9.51 2.65
C LYS B 271 -11.88 -10.80 3.38
N ILE B 272 -10.90 -11.64 3.68
CA ILE B 272 -11.10 -12.93 4.35
C ILE B 272 -10.55 -12.85 5.77
N HIS B 273 -11.34 -13.32 6.73
CA HIS B 273 -10.91 -13.41 8.12
C HIS B 273 -10.30 -14.80 8.33
N PHE B 274 -9.11 -14.84 8.89
CA PHE B 274 -8.36 -16.11 9.00
C PHE B 274 -8.30 -16.63 10.42
N ASN B 275 -8.47 -17.94 10.56
CA ASN B 275 -8.29 -18.66 11.82
C ASN B 275 -7.49 -19.93 11.56
N PRO B 276 -6.28 -20.06 12.13
CA PRO B 276 -5.64 -19.02 12.96
C PRO B 276 -5.24 -17.80 12.12
N PRO B 277 -4.85 -16.69 12.75
CA PRO B 277 -4.40 -15.52 11.99
C PRO B 277 -3.25 -15.87 11.07
N LEU B 278 -3.14 -15.13 9.96
CA LEU B 278 -2.00 -15.31 9.05
C LEU B 278 -0.68 -15.06 9.77
N PRO B 279 0.40 -15.68 9.31
CA PRO B 279 1.74 -15.35 9.82
C PRO B 279 2.02 -13.86 9.60
N MET B 280 2.81 -13.27 10.48
CA MET B 280 3.15 -11.85 10.46
C MET B 280 3.45 -11.29 9.06
N MET B 281 4.35 -11.95 8.33
CA MET B 281 4.80 -11.41 7.05
C MET B 281 3.67 -11.30 6.03
N ARG B 282 2.85 -12.34 5.93
CA ARG B 282 1.70 -12.26 5.02
C ARG B 282 0.63 -11.29 5.50
N ASN B 283 0.41 -11.25 6.81
CA ASN B 283 -0.56 -10.31 7.39
C ASN B 283 -0.28 -8.88 6.95
N GLN B 284 0.98 -8.47 7.00
CA GLN B 284 1.37 -7.13 6.57
C GLN B 284 1.53 -6.99 5.05
N MET B 285 2.02 -8.04 4.38
CA MET B 285 2.21 -7.99 2.92
C MET B 285 0.93 -7.58 2.19
N ILE B 286 -0.19 -8.17 2.58
CA ILE B 286 -1.45 -7.96 1.88
C ILE B 286 -2.08 -6.57 2.07
N THR B 287 -1.44 -5.73 2.89
CA THR B 287 -1.81 -4.30 3.01
C THR B 287 -0.84 -3.39 2.25
N ARG B 288 0.15 -3.97 1.58
CA ARG B 288 1.23 -3.19 0.98
C ARG B 288 1.30 -3.31 -0.53
N VAL B 289 0.27 -3.89 -1.13
CA VAL B 289 0.32 -4.30 -2.54
C VAL B 289 -0.95 -3.89 -3.32
N PRO B 290 -1.04 -2.62 -3.69
CA PRO B 290 -2.21 -2.11 -4.41
C PRO B 290 -2.21 -2.51 -5.88
N LEU B 291 -3.36 -2.36 -6.52
CA LEU B 291 -3.46 -2.52 -7.97
C LEU B 291 -3.51 -1.15 -8.63
N GLY B 292 -3.13 -1.10 -9.91
CA GLY B 292 -3.13 0.13 -10.67
C GLY B 292 -4.50 0.68 -11.02
N SER B 293 -4.51 1.78 -11.77
CA SER B 293 -5.72 2.53 -12.06
C SER B 293 -5.85 2.72 -13.57
N VAL B 294 -6.97 2.29 -14.14
CA VAL B 294 -7.20 2.39 -15.58
C VAL B 294 -8.69 2.40 -15.94
N ILE B 295 -9.02 3.19 -16.96
CA ILE B 295 -10.29 3.09 -17.65
C ILE B 295 -9.98 2.62 -19.07
N LYS B 296 -10.60 1.52 -19.48
CA LYS B 296 -10.50 1.04 -20.86
C LYS B 296 -11.69 1.57 -21.65
N CYS B 297 -11.40 2.24 -22.76
CA CYS B 297 -12.41 2.97 -23.53
C CYS B 297 -12.36 2.55 -24.99
N ILE B 298 -13.53 2.23 -25.56
CA ILE B 298 -13.58 1.83 -26.97
C ILE B 298 -14.60 2.70 -27.71
N VAL B 299 -14.10 3.46 -28.69
CA VAL B 299 -14.94 4.34 -29.50
C VAL B 299 -15.16 3.67 -30.85
N TYR B 300 -16.43 3.56 -31.26
CA TYR B 300 -16.82 2.89 -32.50
C TYR B 300 -17.14 3.88 -33.60
N TYR B 301 -16.79 3.49 -34.83
CA TYR B 301 -17.01 4.33 -36.02
C TYR B 301 -17.62 3.51 -37.15
N LYS B 302 -18.17 4.21 -38.14
CA LYS B 302 -18.77 3.56 -39.32
C LYS B 302 -17.75 2.71 -40.09
N GLU B 303 -16.53 3.24 -40.23
CA GLU B 303 -15.45 2.59 -40.99
C GLU B 303 -14.12 2.81 -40.27
N PRO B 304 -13.13 1.95 -40.49
CA PRO B 304 -11.79 2.20 -39.96
C PRO B 304 -11.05 3.23 -40.83
N PHE B 305 -11.54 4.47 -40.76
CA PHE B 305 -11.13 5.55 -41.66
C PHE B 305 -9.65 5.88 -41.62
N TRP B 306 -8.99 5.60 -40.49
CA TRP B 306 -7.57 5.87 -40.33
C TRP B 306 -6.72 5.07 -41.32
N ARG B 307 -7.20 3.90 -41.71
CA ARG B 307 -6.46 3.04 -42.64
C ARG B 307 -6.30 3.70 -44.02
N LYS B 308 -7.26 4.53 -44.39
CA LYS B 308 -7.24 5.21 -45.69
C LYS B 308 -6.12 6.25 -45.75
N LYS B 309 -5.69 6.72 -44.57
CA LYS B 309 -4.62 7.70 -44.45
C LYS B 309 -3.27 7.03 -44.17
N ASP B 310 -3.25 5.70 -44.30
CA ASP B 310 -2.06 4.87 -44.03
C ASP B 310 -1.64 4.93 -42.55
N TYR B 311 -2.64 4.97 -41.66
CA TYR B 311 -2.42 4.85 -40.22
C TYR B 311 -3.06 3.53 -39.76
N CYS B 312 -2.37 2.78 -38.91
CA CYS B 312 -2.92 1.51 -38.44
C CYS B 312 -3.92 1.66 -37.29
N GLY B 313 -3.87 2.80 -36.60
CA GLY B 313 -4.73 3.03 -35.45
C GLY B 313 -3.98 3.10 -34.14
N THR B 314 -2.70 2.71 -34.18
CA THR B 314 -1.82 2.85 -33.01
C THR B 314 -1.36 4.30 -32.86
N MET B 315 -1.61 4.87 -31.69
CA MET B 315 -1.19 6.22 -31.36
C MET B 315 -0.48 6.20 -30.03
N ILE B 316 0.72 6.80 -29.99
CA ILE B 316 1.44 7.01 -28.73
C ILE B 316 1.38 8.51 -28.52
N ILE B 317 0.68 8.92 -27.47
CA ILE B 317 0.32 10.34 -27.29
C ILE B 317 0.92 10.90 -26.02
N ASP B 318 1.89 11.78 -26.18
CA ASP B 318 2.59 12.41 -25.06
C ASP B 318 1.81 13.57 -24.48
N GLY B 319 2.07 13.88 -23.22
CA GLY B 319 1.56 15.10 -22.63
C GLY B 319 0.42 14.95 -21.62
N GLU B 320 0.34 15.91 -20.71
CA GLU B 320 -0.64 15.90 -19.64
C GLU B 320 -2.09 16.09 -20.12
N GLU B 321 -2.27 16.90 -21.15
CA GLU B 321 -3.61 17.28 -21.62
C GLU B 321 -4.37 16.10 -22.23
N ALA B 322 -3.64 15.19 -22.87
CA ALA B 322 -4.27 14.05 -23.54
C ALA B 322 -4.83 13.06 -22.53
N PRO B 323 -6.14 12.77 -22.59
CA PRO B 323 -6.76 11.81 -21.67
C PRO B 323 -6.21 10.39 -21.85
N VAL B 324 -5.89 10.04 -23.10
CA VAL B 324 -5.44 8.72 -23.48
C VAL B 324 -4.02 8.82 -24.02
N ALA B 325 -3.11 7.99 -23.51
CA ALA B 325 -1.72 8.02 -23.93
C ALA B 325 -1.38 6.98 -25.00
N TYR B 326 -2.26 6.00 -25.18
CA TYR B 326 -2.00 4.90 -26.09
C TYR B 326 -3.28 4.29 -26.63
N THR B 327 -3.30 4.06 -27.94
CA THR B 327 -4.44 3.41 -28.59
C THR B 327 -4.01 2.27 -29.49
N LEU B 328 -4.95 1.36 -29.76
CA LEU B 328 -4.82 0.34 -30.79
C LEU B 328 -6.13 0.24 -31.56
N ASP B 329 -6.03 -0.18 -32.82
CA ASP B 329 -7.18 -0.51 -33.64
C ASP B 329 -7.90 -1.69 -32.99
N ASP B 330 -9.21 -1.56 -32.75
CA ASP B 330 -10.01 -2.63 -32.14
C ASP B 330 -11.08 -3.16 -33.10
N THR B 331 -10.92 -2.86 -34.38
CA THR B 331 -11.81 -3.38 -35.43
C THR B 331 -11.80 -4.90 -35.46
N LYS B 332 -12.97 -5.51 -35.76
CA LYS B 332 -13.08 -6.96 -35.87
C LYS B 332 -12.25 -7.48 -37.04
N PRO B 333 -11.80 -8.73 -36.97
CA PRO B 333 -10.97 -9.31 -38.03
C PRO B 333 -11.67 -9.26 -39.39
N GLU B 334 -13.00 -9.27 -39.39
CA GLU B 334 -13.81 -9.20 -40.60
C GLU B 334 -13.79 -7.80 -41.24
N GLY B 335 -13.34 -6.79 -40.48
CA GLY B 335 -13.22 -5.43 -40.96
C GLY B 335 -14.38 -4.53 -40.57
N ASN B 336 -15.36 -5.11 -39.85
CA ASN B 336 -16.52 -4.36 -39.38
C ASN B 336 -16.41 -4.04 -37.89
N TYR B 337 -17.42 -3.36 -37.37
CA TYR B 337 -17.40 -2.80 -36.01
C TYR B 337 -16.09 -2.03 -35.78
N ALA B 338 -15.77 -1.14 -36.71
CA ALA B 338 -14.57 -0.31 -36.63
C ALA B 338 -14.51 0.40 -35.29
N ALA B 339 -13.31 0.42 -34.69
CA ALA B 339 -13.17 0.94 -33.34
C ALA B 339 -11.72 1.27 -33.00
N ILE B 340 -11.54 2.23 -32.10
CA ILE B 340 -10.26 2.56 -31.50
C ILE B 340 -10.35 2.28 -29.99
N MET B 341 -9.42 1.46 -29.50
CA MET B 341 -9.29 1.20 -28.06
C MET B 341 -8.23 2.13 -27.47
N GLY B 342 -8.55 2.75 -26.35
CA GLY B 342 -7.59 3.59 -25.64
C GLY B 342 -7.63 3.35 -24.15
N PHE B 343 -6.51 3.58 -23.46
CA PHE B 343 -6.42 3.45 -22.02
C PHE B 343 -6.26 4.82 -21.39
N ILE B 344 -7.08 5.13 -20.38
CA ILE B 344 -6.88 6.32 -19.55
C ILE B 344 -6.14 5.83 -18.31
N LEU B 345 -4.92 6.32 -18.13
CA LEU B 345 -3.95 5.68 -17.23
C LEU B 345 -3.70 6.43 -15.92
N ALA B 346 -3.56 5.66 -14.83
CA ALA B 346 -3.01 6.17 -13.56
C ALA B 346 -3.75 7.42 -13.04
N HIS B 347 -3.06 8.53 -12.79
CA HIS B 347 -3.74 9.71 -12.25
C HIS B 347 -4.86 10.25 -13.14
N LYS B 348 -4.77 10.03 -14.46
CA LYS B 348 -5.81 10.49 -15.37
C LYS B 348 -7.10 9.70 -15.21
N ALA B 349 -6.97 8.43 -14.81
CA ALA B 349 -8.15 7.60 -14.51
C ALA B 349 -8.88 8.18 -13.31
N ARG B 350 -8.11 8.59 -12.29
CA ARG B 350 -8.65 9.22 -11.09
C ARG B 350 -9.32 10.55 -11.42
N LYS B 351 -8.63 11.38 -12.19
CA LYS B 351 -9.10 12.72 -12.55
C LYS B 351 -10.36 12.71 -13.42
N LEU B 352 -10.36 11.86 -14.44
CA LEU B 352 -11.42 11.89 -15.45
C LEU B 352 -12.64 11.03 -15.11
N ALA B 353 -12.53 10.24 -14.04
CA ALA B 353 -13.66 9.45 -13.54
C ALA B 353 -14.80 10.35 -13.07
N ARG B 354 -14.46 11.60 -12.73
CA ARG B 354 -15.41 12.60 -12.26
C ARG B 354 -16.41 13.03 -13.33
N LEU B 355 -16.03 12.87 -14.60
CA LEU B 355 -16.87 13.26 -15.74
C LEU B 355 -17.96 12.22 -16.03
N THR B 356 -18.90 12.58 -16.90
CA THR B 356 -19.89 11.63 -17.38
C THR B 356 -19.31 10.81 -18.53
N LYS B 357 -19.96 9.70 -18.85
CA LYS B 357 -19.57 8.86 -19.97
C LYS B 357 -19.52 9.69 -21.28
N GLU B 358 -20.54 10.53 -21.47
CA GLU B 358 -20.64 11.39 -22.65
C GLU B 358 -19.52 12.43 -22.72
N GLU B 359 -19.14 12.97 -21.57
CA GLU B 359 -18.05 13.93 -21.48
C GLU B 359 -16.69 13.29 -21.83
N ARG B 360 -16.48 12.07 -21.38
CA ARG B 360 -15.26 11.33 -21.72
C ARG B 360 -15.22 11.00 -23.21
N LEU B 361 -16.35 10.56 -23.77
CA LEU B 361 -16.44 10.30 -25.20
C LEU B 361 -16.05 11.53 -26.04
N LYS B 362 -16.58 12.70 -25.67
CA LYS B 362 -16.25 13.93 -26.38
C LYS B 362 -14.75 14.23 -26.34
N LYS B 363 -14.15 14.10 -25.16
CA LYS B 363 -12.72 14.33 -24.99
C LYS B 363 -11.88 13.37 -25.83
N LEU B 364 -12.27 12.10 -25.87
CA LEU B 364 -11.55 11.11 -26.66
C LEU B 364 -11.66 11.39 -28.16
N CYS B 365 -12.87 11.69 -28.62
CA CYS B 365 -13.09 11.96 -30.04
C CYS B 365 -12.33 13.18 -30.53
N GLU B 366 -12.29 14.22 -29.71
CA GLU B 366 -11.55 15.43 -30.06
C GLU B 366 -10.05 15.18 -30.10
N LEU B 367 -9.54 14.37 -29.18
CA LEU B 367 -8.14 13.98 -29.20
C LEU B 367 -7.81 13.18 -30.45
N TYR B 368 -8.64 12.18 -30.76
CA TYR B 368 -8.37 11.32 -31.91
C TYR B 368 -8.44 12.11 -33.23
N ALA B 369 -9.34 13.09 -33.29
CA ALA B 369 -9.43 13.95 -34.47
C ALA B 369 -8.13 14.72 -34.68
N LYS B 370 -7.57 15.23 -33.59
CA LYS B 370 -6.30 15.95 -33.62
C LYS B 370 -5.16 15.03 -34.08
N VAL B 371 -5.04 13.87 -33.45
CA VAL B 371 -3.89 13.00 -33.67
C VAL B 371 -3.93 12.34 -35.05
N LEU B 372 -5.13 11.90 -35.46
CA LEU B 372 -5.32 11.29 -36.76
C LEU B 372 -5.52 12.32 -37.87
N GLY B 373 -5.69 13.58 -37.49
CA GLY B 373 -5.91 14.67 -38.45
C GLY B 373 -7.13 14.39 -39.29
N SER B 374 -8.22 13.99 -38.64
CA SER B 374 -9.42 13.53 -39.33
C SER B 374 -10.70 13.96 -38.62
N LEU B 375 -11.55 14.70 -39.34
CA LEU B 375 -12.85 15.10 -38.79
C LEU B 375 -13.78 13.91 -38.57
N GLU B 376 -13.47 12.79 -39.21
CA GLU B 376 -14.30 11.59 -39.07
C GLU B 376 -14.28 11.05 -37.64
N ALA B 377 -13.23 11.36 -36.90
CA ALA B 377 -13.11 10.96 -35.50
C ALA B 377 -14.15 11.63 -34.60
N LEU B 378 -14.76 12.71 -35.09
CA LEU B 378 -15.77 13.44 -34.31
C LEU B 378 -17.17 12.86 -34.49
N GLU B 379 -17.26 11.76 -35.22
CA GLU B 379 -18.57 11.16 -35.52
C GLU B 379 -18.69 9.70 -35.04
N PRO B 380 -18.60 9.48 -33.73
CA PRO B 380 -18.69 8.10 -33.20
C PRO B 380 -20.09 7.54 -33.37
N VAL B 381 -20.19 6.23 -33.55
CA VAL B 381 -21.49 5.56 -33.67
C VAL B 381 -21.89 4.84 -32.39
N HIS B 382 -20.90 4.59 -31.53
CA HIS B 382 -21.11 3.88 -30.27
C HIS B 382 -19.89 4.04 -29.37
N TYR B 383 -20.08 3.78 -28.07
CA TYR B 383 -19.00 3.91 -27.09
C TYR B 383 -19.20 2.92 -25.95
N GLU B 384 -18.13 2.22 -25.56
CA GLU B 384 -18.13 1.40 -24.35
C GLU B 384 -16.89 1.69 -23.52
N GLU B 385 -17.03 1.59 -22.19
CA GLU B 385 -15.91 1.83 -21.28
C GLU B 385 -16.07 1.05 -19.98
N LYS B 386 -14.95 0.81 -19.31
CA LYS B 386 -14.97 0.21 -17.99
C LYS B 386 -13.87 0.81 -17.14
N ASN B 387 -14.28 1.36 -16.00
CA ASN B 387 -13.37 1.86 -14.98
C ASN B 387 -13.11 0.76 -13.95
N TRP B 388 -11.92 0.18 -13.98
CA TRP B 388 -11.62 -0.94 -13.10
C TRP B 388 -11.34 -0.54 -11.66
N CYS B 389 -11.14 0.76 -11.43
CA CYS B 389 -10.89 1.27 -10.08
C CYS B 389 -12.09 1.08 -9.16
N GLU B 390 -13.28 0.93 -9.75
CA GLU B 390 -14.51 0.86 -8.98
C GLU B 390 -14.87 -0.56 -8.50
N GLU B 391 -14.08 -1.55 -8.93
CA GLU B 391 -14.37 -2.96 -8.68
C GLU B 391 -13.93 -3.48 -7.31
N GLN B 392 -14.92 -3.76 -6.44
CA GLN B 392 -14.65 -4.30 -5.11
C GLN B 392 -13.83 -5.59 -5.15
N TYR B 393 -14.11 -6.44 -6.13
CA TYR B 393 -13.48 -7.76 -6.20
C TYR B 393 -12.32 -7.86 -7.20
N SER B 394 -11.83 -6.71 -7.66
CA SER B 394 -10.59 -6.61 -8.43
C SER B 394 -9.59 -5.69 -7.73
N GLY B 395 -10.06 -4.51 -7.32
CA GLY B 395 -9.20 -3.50 -6.70
C GLY B 395 -8.50 -2.55 -7.66
N GLY B 396 -8.58 -2.86 -8.96
CA GLY B 396 -7.93 -2.09 -10.01
C GLY B 396 -7.52 -2.99 -11.17
N CYS B 397 -6.71 -2.44 -12.09
CA CYS B 397 -6.17 -3.19 -13.21
C CYS B 397 -4.93 -2.44 -13.70
N TYR B 398 -4.02 -3.09 -14.44
CA TYR B 398 -4.13 -4.51 -14.84
C TYR B 398 -3.75 -5.44 -13.71
N THR B 399 -2.83 -4.99 -12.86
CA THR B 399 -2.27 -5.89 -11.86
C THR B 399 -1.76 -5.15 -10.63
N THR B 400 -1.19 -5.93 -9.72
CA THR B 400 -0.61 -5.42 -8.49
C THR B 400 0.75 -4.80 -8.74
N TYR B 401 0.97 -3.60 -8.18
CA TYR B 401 2.31 -2.99 -8.20
C TYR B 401 2.92 -2.95 -6.80
N PHE B 402 4.24 -2.86 -6.75
CA PHE B 402 4.97 -2.82 -5.47
C PHE B 402 5.59 -1.45 -5.27
N PRO B 403 5.16 -0.72 -4.24
CA PRO B 403 5.80 0.55 -3.87
C PRO B 403 7.24 0.32 -3.39
N PRO B 404 8.04 1.40 -3.29
CA PRO B 404 9.44 1.24 -2.87
C PRO B 404 9.57 0.52 -1.52
N GLY B 405 10.50 -0.43 -1.47
CA GLY B 405 10.85 -1.15 -0.27
C GLY B 405 10.10 -2.44 0.03
N ILE B 406 9.03 -2.70 -0.71
CA ILE B 406 8.13 -3.81 -0.39
C ILE B 406 8.58 -5.16 -0.94
N LEU B 407 9.06 -5.18 -2.18
CA LEU B 407 9.42 -6.43 -2.85
C LEU B 407 10.55 -7.18 -2.12
N THR B 408 11.56 -6.46 -1.65
CA THR B 408 12.67 -7.10 -0.95
C THR B 408 12.24 -7.58 0.44
N GLN B 409 11.36 -6.83 1.09
CA GLN B 409 10.96 -7.16 2.46
C GLN B 409 9.89 -8.25 2.54
N TYR B 410 8.98 -8.28 1.56
CA TYR B 410 7.80 -9.14 1.60
C TYR B 410 7.61 -10.05 0.39
N GLY B 411 8.43 -9.88 -0.64
CA GLY B 411 8.27 -10.63 -1.88
C GLY B 411 8.30 -12.14 -1.75
N ARG B 412 9.17 -12.64 -0.87
CA ARG B 412 9.31 -14.07 -0.58
C ARG B 412 7.99 -14.71 -0.16
N VAL B 413 7.11 -13.90 0.44
CA VAL B 413 5.85 -14.36 1.02
C VAL B 413 4.77 -14.67 -0.04
N LEU B 414 4.89 -14.07 -1.21
CA LEU B 414 3.81 -14.06 -2.20
C LEU B 414 3.17 -15.43 -2.46
N ARG B 415 4.00 -16.44 -2.75
CA ARG B 415 3.43 -17.75 -3.04
C ARG B 415 3.82 -18.85 -2.05
N GLN B 416 4.27 -18.44 -0.86
CA GLN B 416 4.56 -19.37 0.22
C GLN B 416 3.25 -19.91 0.80
N PRO B 417 3.05 -21.23 0.80
CA PRO B 417 1.83 -21.82 1.35
C PRO B 417 1.63 -21.47 2.82
N VAL B 418 0.38 -21.30 3.23
CA VAL B 418 0.04 -21.10 4.63
C VAL B 418 -0.75 -22.33 5.06
N ASP B 419 -0.05 -23.27 5.69
CA ASP B 419 -0.60 -24.57 6.08
C ASP B 419 -1.16 -25.29 4.84
N ARG B 420 -2.49 -25.31 4.68
CA ARG B 420 -3.10 -26.00 3.54
C ARG B 420 -3.66 -25.05 2.47
N ILE B 421 -3.33 -23.76 2.58
CA ILE B 421 -3.69 -22.78 1.55
C ILE B 421 -2.49 -22.56 0.63
N TYR B 422 -2.73 -22.72 -0.68
CA TYR B 422 -1.72 -22.48 -1.70
C TYR B 422 -2.17 -21.28 -2.51
N PHE B 423 -1.22 -20.58 -3.14
CA PHE B 423 -1.53 -19.29 -3.75
C PHE B 423 -1.33 -19.26 -5.26
N ALA B 424 -2.41 -18.95 -5.97
CA ALA B 424 -2.37 -18.77 -7.41
C ALA B 424 -2.58 -17.28 -7.69
N GLY B 425 -3.16 -16.97 -8.85
CA GLY B 425 -3.30 -15.59 -9.28
C GLY B 425 -2.09 -15.14 -10.07
N THR B 426 -2.32 -14.29 -11.07
CA THR B 426 -1.25 -13.88 -11.97
C THR B 426 -0.05 -13.22 -11.26
N GLU B 427 -0.31 -12.59 -10.12
CA GLU B 427 0.73 -11.93 -9.34
C GLU B 427 1.82 -12.89 -8.85
N THR B 428 1.49 -14.18 -8.78
CA THR B 428 2.44 -15.19 -8.31
C THR B 428 3.21 -15.88 -9.44
N ALA B 429 2.97 -15.48 -10.68
CA ALA B 429 3.67 -16.08 -11.82
C ALA B 429 5.11 -15.59 -11.94
N THR B 430 5.92 -16.33 -12.71
CA THR B 430 7.32 -15.96 -12.94
C THR B 430 7.60 -15.58 -14.40
N HIS B 431 6.59 -15.74 -15.26
CA HIS B 431 6.68 -15.40 -16.67
C HIS B 431 5.33 -14.81 -17.09
N TRP B 432 5.36 -13.57 -17.57
CA TRP B 432 4.14 -12.78 -17.84
C TRP B 432 3.20 -12.67 -16.63
N SER B 433 3.77 -12.55 -15.43
CA SER B 433 3.00 -12.11 -14.27
C SER B 433 2.34 -10.78 -14.62
N GLY B 434 1.07 -10.63 -14.25
CA GLY B 434 0.29 -9.44 -14.58
C GLY B 434 -0.67 -9.67 -15.75
N TYR B 435 -0.45 -10.77 -16.48
CA TYR B 435 -1.19 -11.07 -17.71
C TYR B 435 -2.02 -12.35 -17.56
N MET B 436 -2.88 -12.60 -18.54
CA MET B 436 -3.64 -13.85 -18.60
C MET B 436 -2.70 -15.07 -18.62
N GLU B 437 -1.58 -14.94 -19.34
CA GLU B 437 -0.56 -15.99 -19.38
C GLU B 437 -0.10 -16.36 -17.96
N GLY B 438 0.25 -15.34 -17.17
CA GLY B 438 0.67 -15.56 -15.80
C GLY B 438 -0.40 -16.19 -14.92
N ALA B 439 -1.65 -15.84 -15.19
CA ALA B 439 -2.78 -16.45 -14.48
C ALA B 439 -2.80 -17.97 -14.68
N VAL B 440 -2.62 -18.42 -15.93
CA VAL B 440 -2.59 -19.85 -16.21
C VAL B 440 -1.39 -20.52 -15.55
N GLU B 441 -0.21 -19.92 -15.68
CA GLU B 441 1.00 -20.47 -15.05
C GLU B 441 0.79 -20.70 -13.55
N ALA B 442 0.29 -19.67 -12.88
CA ALA B 442 0.15 -19.71 -11.42
C ALA B 442 -0.94 -20.68 -10.95
N GLY B 443 -2.04 -20.76 -11.70
CA GLY B 443 -3.14 -21.62 -11.34
C GLY B 443 -2.74 -23.08 -11.45
N GLU B 444 -2.05 -23.41 -12.53
CA GLU B 444 -1.62 -24.79 -12.77
C GLU B 444 -0.51 -25.20 -11.81
N ARG B 445 0.40 -24.26 -11.50
CA ARG B 445 1.48 -24.49 -10.55
C ARG B 445 0.93 -24.73 -9.13
N ALA B 446 -0.03 -23.90 -8.70
CA ALA B 446 -0.66 -24.07 -7.39
C ALA B 446 -1.39 -25.41 -7.30
N ALA B 447 -2.10 -25.78 -8.37
CA ALA B 447 -2.78 -27.07 -8.44
C ALA B 447 -1.79 -28.24 -8.27
N ARG B 448 -0.65 -28.15 -8.95
CA ARG B 448 0.37 -29.18 -8.88
C ARG B 448 1.07 -29.26 -7.52
N GLU B 449 1.17 -28.13 -6.82
CA GLU B 449 1.68 -28.12 -5.44
C GLU B 449 0.80 -29.00 -4.56
N ILE B 450 -0.51 -28.91 -4.75
CA ILE B 450 -1.46 -29.73 -4.01
C ILE B 450 -1.35 -31.21 -4.41
N LEU B 451 -1.25 -31.47 -5.72
CA LEU B 451 -1.04 -32.85 -6.20
C LEU B 451 0.21 -33.48 -5.55
N HIS B 452 1.28 -32.68 -5.44
CA HIS B 452 2.50 -33.15 -4.78
C HIS B 452 2.28 -33.39 -3.28
N ALA B 453 1.56 -32.47 -2.63
CA ALA B 453 1.23 -32.62 -1.21
C ALA B 453 0.42 -33.89 -0.93
N MET B 454 -0.38 -34.31 -1.91
CA MET B 454 -1.17 -35.53 -1.80
C MET B 454 -0.38 -36.77 -2.20
N GLY B 455 0.87 -36.58 -2.61
CA GLY B 455 1.75 -37.66 -3.03
C GLY B 455 1.43 -38.24 -4.40
N LYS B 456 0.71 -37.47 -5.22
CA LYS B 456 0.27 -37.93 -6.54
C LYS B 456 1.29 -37.69 -7.65
N ILE B 457 2.15 -36.68 -7.47
CA ILE B 457 3.24 -36.37 -8.40
C ILE B 457 4.52 -36.07 -7.63
N PRO B 458 5.69 -36.30 -8.25
CA PRO B 458 6.97 -35.93 -7.64
C PRO B 458 7.22 -34.42 -7.60
N GLU B 459 8.16 -34.00 -6.77
CA GLU B 459 8.49 -32.58 -6.59
C GLU B 459 8.89 -31.87 -7.89
N ASP B 460 9.66 -32.56 -8.74
CA ASP B 460 10.16 -31.97 -9.98
C ASP B 460 9.09 -31.76 -11.05
N GLU B 461 7.85 -32.11 -10.73
CA GLU B 461 6.72 -31.92 -11.64
C GLU B 461 5.82 -30.75 -11.26
N ILE B 462 6.13 -30.07 -10.17
CA ILE B 462 5.37 -28.89 -9.72
C ILE B 462 5.46 -27.76 -10.76
N TRP B 463 6.68 -27.47 -11.20
CA TRP B 463 6.94 -26.46 -12.23
C TRP B 463 7.17 -27.16 -13.56
N GLN B 464 6.31 -26.85 -14.53
CA GLN B 464 6.31 -27.51 -15.81
C GLN B 464 6.53 -26.53 -16.97
N SER B 465 7.45 -26.90 -17.86
CA SER B 465 7.69 -26.13 -19.08
C SER B 465 6.51 -26.25 -20.04
N GLU B 466 6.41 -25.32 -20.98
CA GLU B 466 5.32 -25.30 -21.96
C GLU B 466 5.87 -25.29 -23.38
N PRO B 467 5.43 -26.24 -24.21
CA PRO B 467 5.87 -26.28 -25.61
C PRO B 467 5.41 -25.01 -26.34
N GLU B 468 6.20 -24.53 -27.29
CA GLU B 468 5.84 -23.34 -28.06
C GLU B 468 4.60 -23.58 -28.92
N SER B 469 3.72 -22.58 -28.94
CA SER B 469 2.55 -22.59 -29.81
C SER B 469 2.96 -22.70 -31.27
N VAL B 470 2.28 -23.58 -32.01
CA VAL B 470 2.51 -23.70 -33.45
C VAL B 470 1.80 -22.58 -34.22
N ASP B 471 0.75 -22.03 -33.62
CA ASP B 471 -0.07 -20.99 -34.26
C ASP B 471 0.50 -19.60 -34.10
N VAL B 472 1.18 -19.38 -32.96
CA VAL B 472 1.78 -18.09 -32.64
C VAL B 472 3.26 -18.26 -32.32
N PRO B 473 4.08 -18.46 -33.37
CA PRO B 473 5.52 -18.65 -33.18
C PRO B 473 6.19 -17.36 -32.75
N ALA B 474 7.25 -17.48 -31.95
CA ALA B 474 8.01 -16.34 -31.46
C ALA B 474 9.28 -16.14 -32.28
N GLN B 475 9.46 -14.94 -32.81
CA GLN B 475 10.71 -14.55 -33.44
C GLN B 475 11.64 -14.02 -32.35
N PRO B 476 12.93 -14.28 -32.44
CA PRO B 476 13.86 -13.82 -31.40
C PRO B 476 14.00 -12.29 -31.36
N ILE B 477 14.31 -11.76 -30.18
CA ILE B 477 14.57 -10.33 -30.02
C ILE B 477 16.03 -10.06 -30.38
N THR B 478 16.24 -9.16 -31.33
CA THR B 478 17.59 -8.84 -31.81
C THR B 478 17.93 -7.37 -31.58
N THR B 479 19.23 -7.08 -31.53
CA THR B 479 19.75 -5.71 -31.48
C THR B 479 20.79 -5.52 -32.58
N THR B 480 21.04 -4.27 -32.95
CA THR B 480 22.11 -3.96 -33.92
C THR B 480 23.41 -3.65 -33.19
N PHE B 481 24.52 -3.68 -33.93
CA PHE B 481 25.84 -3.38 -33.37
C PHE B 481 25.87 -1.98 -32.74
N LEU B 482 25.29 -1.01 -33.45
CA LEU B 482 25.26 0.37 -32.97
C LEU B 482 24.40 0.53 -31.71
N GLU B 483 23.26 -0.16 -31.66
CA GLU B 483 22.39 -0.14 -30.48
C GLU B 483 23.14 -0.66 -29.23
N ARG B 484 23.96 -1.69 -29.42
CA ARG B 484 24.72 -2.31 -28.34
C ARG B 484 25.87 -1.44 -27.83
N HIS B 485 26.54 -0.73 -28.75
CA HIS B 485 27.83 -0.11 -28.42
C HIS B 485 27.89 1.42 -28.43
N LEU B 486 26.84 2.08 -28.93
CA LEU B 486 26.79 3.54 -28.89
C LEU B 486 26.80 4.01 -27.44
N PRO B 487 27.56 5.08 -27.15
CA PRO B 487 27.69 5.56 -25.77
C PRO B 487 26.43 6.25 -25.26
N SER B 488 26.27 6.29 -23.95
CA SER B 488 25.26 7.11 -23.31
C SER B 488 25.67 8.58 -23.43
N VAL B 489 24.80 9.49 -23.00
CA VAL B 489 25.16 10.90 -22.97
C VAL B 489 26.36 11.18 -22.04
N PRO B 490 26.34 10.72 -20.78
CA PRO B 490 27.53 10.85 -19.91
C PRO B 490 28.75 10.09 -20.44
N GLY B 491 28.53 8.98 -21.13
CA GLY B 491 29.61 8.21 -21.75
C GLY B 491 30.31 9.00 -22.85
N LEU B 492 29.53 9.72 -23.65
CA LEU B 492 30.07 10.57 -24.71
C LEU B 492 30.85 11.76 -24.12
N LEU B 493 30.35 12.31 -23.02
CA LEU B 493 31.01 13.43 -22.32
C LEU B 493 32.33 13.01 -21.68
N ARG B 494 32.41 11.76 -21.24
CA ARG B 494 33.64 11.19 -20.67
C ARG B 494 34.69 11.00 -21.76
N LEU B 495 34.23 10.63 -22.96
CA LEU B 495 35.09 10.47 -24.13
C LEU B 495 35.61 11.83 -24.63
N ILE B 496 34.82 12.88 -24.41
CA ILE B 496 35.21 14.25 -24.76
C ILE B 496 36.20 14.78 -23.72
PA FAD C . -7.46 0.98 17.22
O1A FAD C . -6.68 0.19 16.25
O2A FAD C . -6.84 1.07 18.62
O5B FAD C . -8.94 0.39 17.38
C5B FAD C . -9.58 -0.28 16.33
C4B FAD C . -10.43 -1.38 16.92
O4B FAD C . -11.21 -1.91 15.88
C3B FAD C . -9.58 -2.53 17.48
O3B FAD C . -10.03 -2.82 18.79
C2B FAD C . -9.83 -3.69 16.53
O2B FAD C . -9.82 -4.93 17.19
C1B FAD C . -11.21 -3.33 15.98
N9A FAD C . -11.49 -3.90 14.65
C8A FAD C . -10.68 -4.03 13.56
N7A FAD C . -11.38 -4.60 12.56
C5A FAD C . -12.63 -4.83 12.99
C6A FAD C . -13.75 -5.41 12.40
N6A FAD C . -13.76 -5.80 11.13
N1A FAD C . -14.92 -5.49 13.14
C2A FAD C . -14.97 -5.05 14.45
N3A FAD C . -13.87 -4.50 15.03
C4A FAD C . -12.72 -4.40 14.32
N1 FAD C . -0.08 6.45 20.79
C2 FAD C . 0.12 7.34 21.82
O2 FAD C . -0.69 8.24 22.01
N3 FAD C . 1.24 7.24 22.61
C4 FAD C . 2.15 6.23 22.41
O4 FAD C . 3.13 6.15 23.16
C4X FAD C . 1.97 5.32 21.36
N5 FAD C . 2.91 4.33 21.10
C5X FAD C . 2.53 3.25 20.31
C6 FAD C . 3.26 2.08 20.39
C7 FAD C . 2.76 0.89 19.87
C7M FAD C . 3.62 -0.34 19.98
C8 FAD C . 1.49 0.88 19.26
C8M FAD C . 0.89 -0.38 18.68
C9 FAD C . 0.76 2.07 19.19
C9A FAD C . 1.26 3.27 19.71
N10 FAD C . 0.61 4.50 19.57
C10 FAD C . 0.83 5.44 20.57
C1' FAD C . -0.63 4.61 18.72
C2' FAD C . -1.96 4.44 19.48
O2' FAD C . -1.96 3.20 20.16
C3' FAD C . -3.10 4.53 18.46
O3' FAD C . -3.01 5.76 17.78
C4' FAD C . -4.52 4.44 19.05
O4' FAD C . -4.62 3.43 20.04
C5' FAD C . -5.48 4.12 17.92
O5' FAD C . -6.82 4.09 18.39
P FAD C . -8.00 3.82 17.34
O1P FAD C . -9.26 3.65 18.10
O2P FAD C . -8.06 4.90 16.26
O3P FAD C . -7.63 2.45 16.59
C13 RHP D . 3.96 4.83 20.58
C12 RHP D . 4.70 5.89 20.80
C11 RHP D . 6.12 6.11 20.29
N10 RHP D . 6.79 7.16 20.63
C9 RHP D . 8.14 7.34 20.12
C1 RHP D . 9.16 7.59 21.24
C2 RHP D . 10.12 8.70 20.76
C3 RHP D . 9.36 9.33 19.64
C8 RHP D . 8.27 8.59 19.30
C7 RHP D . 7.41 8.99 18.30
C4 RHP D . 9.66 10.52 19.00
C5 RHP D . 8.81 10.95 17.98
C6 RHP D . 7.69 10.18 17.64
O6 RHP D . 6.85 10.60 16.63
PA FAD E . -8.71 -12.22 -11.42
O1A FAD E . -8.73 -10.94 -10.65
O2A FAD E . -9.11 -12.10 -12.89
O5B FAD E . -9.65 -13.30 -10.72
C5B FAD E . -9.91 -13.28 -9.34
C4B FAD E . -11.34 -13.70 -9.10
O4B FAD E . -11.53 -13.79 -7.70
C3B FAD E . -12.37 -12.70 -9.61
O3B FAD E . -13.32 -13.35 -10.43
C2B FAD E . -12.99 -12.12 -8.35
O2B FAD E . -14.35 -11.76 -8.51
C1B FAD E . -12.79 -13.26 -7.37
N9A FAD E . -12.77 -12.88 -5.95
C8A FAD E . -12.17 -11.79 -5.37
N7A FAD E . -12.37 -11.86 -4.04
C5A FAD E . -13.09 -12.98 -3.76
C6A FAD E . -13.59 -13.52 -2.58
N6A FAD E . -13.33 -12.99 -1.38
N1A FAD E . -14.30 -14.71 -2.64
C2A FAD E . -14.52 -15.34 -3.84
N3A FAD E . -14.05 -14.78 -5.02
C4A FAD E . -13.34 -13.62 -4.96
N1 FAD E . -3.80 -9.26 -19.44
C2 FAD E . -3.46 -9.79 -20.67
O2 FAD E . -2.99 -10.91 -20.75
N3 FAD E . -3.64 -9.04 -21.80
C4 FAD E . -4.18 -7.79 -21.74
O4 FAD E . -4.34 -7.15 -22.79
C4X FAD E . -4.51 -7.23 -20.50
N5 FAD E . -5.02 -5.94 -20.40
C5X FAD E . -5.68 -5.56 -19.24
C6 FAD E . -6.54 -4.47 -19.27
C7 FAD E . -7.43 -4.24 -18.22
C7M FAD E . -8.32 -3.03 -18.30
C8 FAD E . -7.48 -5.13 -17.15
C8M FAD E . -8.45 -4.94 -15.99
C9 FAD E . -6.63 -6.23 -17.13
C9A FAD E . -5.71 -6.46 -18.17
N10 FAD E . -4.74 -7.48 -18.13
C10 FAD E . -4.34 -7.99 -19.35
C1' FAD E . -4.61 -8.32 -16.88
C2' FAD E . -5.41 -9.64 -16.90
O2' FAD E . -6.78 -9.36 -17.08
C3' FAD E . -5.16 -10.34 -15.55
O3' FAD E . -3.77 -10.60 -15.41
C4' FAD E . -5.85 -11.69 -15.37
O4' FAD E . -7.20 -11.64 -15.79
C5' FAD E . -5.82 -12.06 -13.89
O5' FAD E . -6.43 -13.32 -13.68
P FAD E . -6.47 -13.91 -12.20
O1P FAD E . -7.29 -15.17 -12.24
O2P FAD E . -5.06 -14.12 -11.64
O3P FAD E . -7.23 -12.83 -11.28
C13 RHP F . -4.09 -5.08 -20.61
C12 RHP F . -3.12 -4.94 -21.46
C11 RHP F . -2.34 -3.64 -21.73
N10 RHP F . -1.44 -3.62 -22.67
C9 RHP F . -0.71 -2.37 -22.90
C1 RHP F . -0.73 -1.95 -24.38
C2 RHP F . 0.68 -1.45 -24.75
C3 RHP F . 1.51 -2.02 -23.66
C8 RHP F . 0.76 -2.54 -22.65
C7 RHP F . 1.34 -3.12 -21.55
C4 RHP F . 2.90 -2.06 -23.63
C5 RHP F . 3.50 -2.64 -22.52
C6 RHP F . 2.73 -3.17 -21.49
O6 RHP F . 3.33 -3.76 -20.39
#